data_8WF8
#
_entry.id   8WF8
#
_cell.length_a   1.00
_cell.length_b   1.00
_cell.length_c   1.00
_cell.angle_alpha   90.00
_cell.angle_beta   90.00
_cell.angle_gamma   90.00
#
_symmetry.space_group_name_H-M   'P 1'
#
loop_
_entity.id
_entity.type
_entity.pdbx_description
1 polymer PspCas13b
2 polymer crRNA
3 non-polymer 'MAGNESIUM ION'
#
loop_
_entity_poly.entity_id
_entity_poly.type
_entity_poly.pdbx_seq_one_letter_code
_entity_poly.pdbx_strand_id
1 'polypeptide(L)'
;MNIPALVENQKKYFGTYSVMAMLNAQTVLDHIQKVADIEGEQNENNENLWFHPVMSHLYNAKNGYDKQPEKTMFIIERLQ
SYFPFLKIMAENQREYSNGKYKQNRVEVNSNDIFEVLKRAFGVLKMYRDLTNAYKTYEEKLNDGCEFLTSTEQPLSGMIN
NYYTVALRNMNERYGYKTEDLAFIQDKRFKFVKDAYGKKKSQVNTGFFLSLQDYNGDTQKKLHLSGVGIALLICLFLDKQ
YINIFLSRLPIFSSYNAQSEERRIIIRSFGINSIKLPKDRIHSEKSNKSVAMDMLNEVKRCPDELFTTLSAEKQSRFRII
SDDHNEVLMKRSSDRFVPLLLQYIDYGKLFDHIRFHVNMGKLRYLLKADKTCIDGQTRVRVIEQPLNGFGRLEEAETMRK
QENGTFGNSGIRIRDFENMKRDDANPANYPYIVDTYTHYILENNKVEMFINDKEDSAPLLPVIEDDRYVVKTIPSCRMST
LEIPAMAFHMFLFGSKKTEKLIVDVHNRYKRLFQAMQKEEVTAENIASFGIAESDLPQKILDLISGNAHGKDVDAFIRLT
VDDMLTDTERRIKRFKDDRKSIRSADNKMGKRGFKQISTGKLADFLAKDIVLFQPSVNDGENKITGLNYRIMQSAIAVYD
SGDDYEAKQQFKLMFEKARLIGKGTTEPHPFLYKVFARSIPANAVEFYERYLIERKFYLTGLSNEIKKGNRVDVPFIRRD
QNKWKTPAMKTLGRIYSEDLPVELPRQMFDNEIKSHLKSLPQMEGIDFNNANVTYLIAEYMKRVLDDDFQTFYQWNRNYR
YMDMLKGEYDRKGSLQHCFTSVEEREGLWKERASRTERYRKQASNKIRSNRQMRNASSEEIETILDKRLSNSRNEYQKSE
KVIRRYRVQDALLFLLAKKTLTELADFDGERFKLKEIMPDAEKGILSEIMPMSFTFEKGGKKYTITSEGMKLKNYGDFFV
LASDKRIGNLLELVGSDIVSKEDIMEEFNKYDQCRPEISSIVFNLEKWAFDTYPELSARVDREEKVDFKSILKILLNNKN
INKEQSDILRKIRNAFDANNYPDKGVVEIKALPEIAMSIKKAFGEYAIMKGSLQ
;
A
2 'polyribonucleotide' UCUAAACCAUCCUGCGGCCUCUACUCUGCAGUUGUGGAAGGUCCAGUUUUGAGGGGCUAUUACAAC B
#
# COMPACT_ATOMS: atom_id res chain seq x y z
N MET A 1 -31.46 22.16 19.47
CA MET A 1 -31.14 20.72 19.31
C MET A 1 -30.45 20.25 20.58
N ASN A 2 -30.89 19.09 21.11
CA ASN A 2 -30.31 18.54 22.32
C ASN A 2 -29.15 17.60 22.00
N ILE A 3 -28.17 17.54 22.89
CA ILE A 3 -27.08 16.58 22.79
C ILE A 3 -27.70 15.19 22.94
N PRO A 4 -27.47 14.22 22.02
CA PRO A 4 -28.00 12.88 22.20
C PRO A 4 -27.72 12.25 23.56
N ALA A 5 -28.71 11.55 24.13
CA ALA A 5 -28.60 10.98 25.47
C ALA A 5 -27.44 10.00 25.56
N LEU A 6 -27.17 9.24 24.49
CA LEU A 6 -26.05 8.32 24.51
C LEU A 6 -24.77 9.10 24.78
N VAL A 7 -24.63 10.28 24.14
CA VAL A 7 -23.45 11.11 24.31
C VAL A 7 -23.43 11.61 25.74
N GLU A 8 -24.56 12.11 26.24
CA GLU A 8 -24.60 12.67 27.58
C GLU A 8 -24.32 11.59 28.64
N ASN A 9 -24.74 10.35 28.40
CA ASN A 9 -24.58 9.27 29.37
C ASN A 9 -23.23 8.58 29.27
N GLN A 10 -22.49 8.79 28.19
CA GLN A 10 -21.21 8.14 28.02
C GLN A 10 -20.15 9.19 27.76
N LYS A 11 -20.31 10.34 28.42
CA LYS A 11 -19.55 11.55 28.10
C LYS A 11 -18.05 11.29 28.24
N LYS A 12 -17.62 10.55 29.27
CA LYS A 12 -16.21 10.30 29.46
C LYS A 12 -15.61 9.49 28.30
N TYR A 13 -16.41 8.63 27.64
CA TYR A 13 -15.89 7.88 26.52
C TYR A 13 -15.90 8.73 25.26
N PHE A 14 -16.94 9.55 25.05
CA PHE A 14 -17.00 10.38 23.87
C PHE A 14 -15.93 11.46 23.99
N GLY A 15 -15.76 12.00 25.20
CA GLY A 15 -14.71 12.95 25.46
C GLY A 15 -13.34 12.38 25.08
N THR A 16 -13.01 11.21 25.60
CA THR A 16 -11.71 10.62 25.37
C THR A 16 -11.50 10.41 23.88
N TYR A 17 -12.46 9.80 23.17
CA TYR A 17 -12.18 9.29 21.83
C TYR A 17 -12.38 10.41 20.81
N SER A 18 -13.18 11.42 21.13
CA SER A 18 -13.27 12.58 20.24
C SER A 18 -11.90 13.25 20.19
N VAL A 19 -11.25 13.46 21.34
CA VAL A 19 -9.90 14.01 21.38
C VAL A 19 -8.92 13.13 20.60
N MET A 20 -8.99 11.83 20.78
CA MET A 20 -8.12 10.97 20.00
C MET A 20 -8.42 11.14 18.51
N ALA A 21 -9.70 11.28 18.13
CA ALA A 21 -10.06 11.38 16.71
C ALA A 21 -9.44 12.64 16.11
N MET A 22 -9.60 13.77 16.80
CA MET A 22 -9.04 15.01 16.30
C MET A 22 -7.52 14.99 16.25
N LEU A 23 -6.84 14.31 17.20
CA LEU A 23 -5.38 14.27 17.17
C LEU A 23 -4.92 13.43 15.99
N ASN A 24 -5.53 12.27 15.79
CA ASN A 24 -5.22 11.46 14.64
C ASN A 24 -5.35 12.21 13.32
N ALA A 25 -6.40 13.04 13.17
CA ALA A 25 -6.61 13.81 11.93
C ALA A 25 -5.45 14.79 11.74
N GLN A 26 -5.09 15.51 12.81
CA GLN A 26 -4.04 16.50 12.74
C GLN A 26 -2.73 15.82 12.37
N THR A 27 -2.51 14.61 12.89
CA THR A 27 -1.30 13.87 12.63
C THR A 27 -1.15 13.66 11.12
N VAL A 28 -2.21 13.19 10.46
CA VAL A 28 -2.21 12.96 9.02
C VAL A 28 -1.95 14.29 8.31
N LEU A 29 -2.69 15.33 8.69
CA LEU A 29 -2.52 16.60 8.00
C LEU A 29 -1.08 17.08 8.15
N ASP A 30 -0.51 16.98 9.36
CA ASP A 30 0.88 17.35 9.59
C ASP A 30 1.84 16.52 8.74
N HIS A 31 1.59 15.22 8.59
CA HIS A 31 2.51 14.39 7.84
C HIS A 31 2.56 14.86 6.39
N ILE A 32 1.36 15.10 5.81
CA ILE A 32 1.25 15.46 4.42
C ILE A 32 1.96 16.78 4.19
N GLN A 33 1.77 17.76 5.09
CA GLN A 33 2.46 19.04 5.00
C GLN A 33 3.97 18.80 4.90
N LYS A 34 4.54 18.02 5.83
CA LYS A 34 5.98 17.79 5.89
C LYS A 34 6.51 17.16 4.60
N VAL A 35 5.91 16.06 4.18
CA VAL A 35 6.39 15.30 3.03
C VAL A 35 6.27 16.16 1.77
N ALA A 36 5.23 17.02 1.67
CA ALA A 36 5.04 17.82 0.46
C ALA A 36 5.71 19.19 0.56
N ASP A 37 6.35 19.53 1.67
CA ASP A 37 6.83 20.89 1.88
C ASP A 37 5.78 21.96 1.57
N ILE A 38 4.59 21.89 2.20
CA ILE A 38 3.60 22.95 2.09
C ILE A 38 4.03 24.10 3.03
N ASN A 48 -9.33 23.79 14.75
CA ASN A 48 -9.78 24.44 13.48
C ASN A 48 -8.98 23.86 12.31
N LEU A 49 -9.15 22.54 12.13
CA LEU A 49 -8.32 21.78 11.23
C LEU A 49 -8.56 22.15 9.77
N TRP A 50 -9.68 22.78 9.45
CA TRP A 50 -9.93 23.21 8.08
C TRP A 50 -9.12 24.47 7.75
N PHE A 51 -8.41 25.06 8.72
CA PHE A 51 -7.44 26.10 8.40
C PHE A 51 -6.01 25.57 8.38
N HIS A 52 -5.80 24.26 8.41
CA HIS A 52 -4.46 23.71 8.35
C HIS A 52 -3.86 24.06 6.98
N PRO A 53 -2.55 24.40 6.86
CA PRO A 53 -1.88 24.58 5.56
C PRO A 53 -2.28 23.60 4.45
N VAL A 54 -2.41 22.30 4.77
CA VAL A 54 -2.83 21.30 3.79
C VAL A 54 -4.26 21.57 3.35
N MET A 55 -5.15 21.99 4.25
CA MET A 55 -6.55 22.22 3.92
C MET A 55 -6.72 23.58 3.25
N SER A 56 -5.98 24.61 3.68
CA SER A 56 -5.94 25.86 2.97
C SER A 56 -5.54 25.65 1.51
N HIS A 57 -4.51 24.83 1.27
CA HIS A 57 -4.04 24.59 -0.08
C HIS A 57 -5.22 24.17 -0.95
N LEU A 58 -5.97 23.15 -0.51
CA LEU A 58 -7.13 22.68 -1.25
C LEU A 58 -8.17 23.79 -1.42
N TYR A 59 -8.49 24.48 -0.35
CA TYR A 59 -9.43 25.56 -0.45
C TYR A 59 -9.05 26.50 -1.61
N ASN A 60 -7.78 26.85 -1.75
CA ASN A 60 -7.39 27.84 -2.75
C ASN A 60 -7.04 27.22 -4.10
N ALA A 61 -7.19 25.90 -4.26
CA ALA A 61 -6.52 25.19 -5.33
C ALA A 61 -7.20 25.47 -6.65
N LYS A 62 -8.49 25.81 -6.66
CA LYS A 62 -9.18 26.19 -7.88
C LYS A 62 -9.49 27.69 -7.92
N ASN A 63 -8.74 28.53 -7.19
CA ASN A 63 -8.81 29.97 -7.34
C ASN A 63 -7.89 30.41 -8.48
N GLY A 64 -8.35 30.25 -9.72
CA GLY A 64 -7.50 30.54 -10.85
C GLY A 64 -6.64 29.34 -11.23
N TYR A 65 -5.72 29.55 -12.17
CA TYR A 65 -4.92 28.46 -12.71
C TYR A 65 -3.92 28.01 -11.66
N ASP A 66 -3.86 26.70 -11.39
CA ASP A 66 -3.09 26.19 -10.26
C ASP A 66 -1.60 26.39 -10.55
N LYS A 67 -0.87 27.00 -9.61
CA LYS A 67 0.57 27.19 -9.75
C LYS A 67 1.37 26.06 -9.10
N GLN A 68 0.74 25.15 -8.36
CA GLN A 68 1.47 24.05 -7.75
C GLN A 68 0.67 22.77 -7.97
N PRO A 69 0.46 22.35 -9.24
CA PRO A 69 -0.36 21.18 -9.50
C PRO A 69 0.22 19.90 -8.92
N GLU A 70 1.54 19.82 -8.85
CA GLU A 70 2.19 18.62 -8.34
C GLU A 70 1.84 18.50 -6.86
N LYS A 71 1.76 19.63 -6.13
CA LYS A 71 1.44 19.61 -4.72
C LYS A 71 -0.04 19.27 -4.51
N THR A 72 -0.92 19.99 -5.23
CA THR A 72 -2.35 19.69 -5.19
C THR A 72 -2.61 18.20 -5.39
N MET A 73 -2.06 17.60 -6.44
CA MET A 73 -2.34 16.22 -6.73
C MET A 73 -1.77 15.30 -5.64
N PHE A 74 -0.60 15.63 -5.09
CA PHE A 74 -0.10 14.84 -3.98
C PHE A 74 -1.07 14.87 -2.79
N ILE A 75 -1.56 16.06 -2.41
CA ILE A 75 -2.45 16.22 -1.27
C ILE A 75 -3.71 15.40 -1.51
N ILE A 76 -4.31 15.48 -2.69
CA ILE A 76 -5.53 14.76 -3.00
C ILE A 76 -5.29 13.24 -2.91
N GLU A 77 -4.16 12.76 -3.38
CA GLU A 77 -3.89 11.32 -3.40
C GLU A 77 -3.66 10.79 -1.98
N ARG A 78 -2.86 11.50 -1.18
N ARG A 78 -2.86 11.50 -1.18
CA ARG A 78 -2.47 11.00 0.14
CA ARG A 78 -2.47 11.02 0.14
C ARG A 78 -3.64 11.09 1.13
C ARG A 78 -3.65 11.09 1.11
N LEU A 79 -4.43 12.17 1.05
CA LEU A 79 -5.64 12.28 1.84
C LEU A 79 -6.53 11.06 1.62
N GLN A 80 -6.61 10.55 0.39
CA GLN A 80 -7.46 9.38 0.14
C GLN A 80 -6.80 8.10 0.61
N SER A 81 -5.48 8.08 0.73
CA SER A 81 -4.79 6.93 1.31
C SER A 81 -5.02 6.86 2.81
N TYR A 82 -4.82 7.99 3.53
CA TYR A 82 -4.83 7.98 4.97
C TYR A 82 -6.27 8.00 5.48
N PHE A 83 -7.19 8.61 4.72
CA PHE A 83 -8.60 8.62 5.06
C PHE A 83 -9.41 7.83 4.02
N PRO A 84 -9.48 6.48 4.05
CA PRO A 84 -10.17 5.72 3.02
C PRO A 84 -11.65 6.02 2.81
N PHE A 85 -12.33 6.54 3.82
CA PHE A 85 -13.74 6.87 3.70
C PHE A 85 -13.94 8.06 2.77
N LEU A 86 -12.87 8.79 2.46
CA LEU A 86 -12.98 10.04 1.70
C LEU A 86 -13.29 9.76 0.23
N LYS A 87 -12.89 8.60 -0.30
CA LYS A 87 -13.26 8.18 -1.64
C LYS A 87 -14.78 8.08 -1.78
N ILE A 88 -15.45 7.44 -0.81
CA ILE A 88 -16.91 7.33 -0.84
C ILE A 88 -17.57 8.68 -0.66
N MET A 89 -17.11 9.46 0.33
CA MET A 89 -17.83 10.69 0.66
C MET A 89 -17.62 11.75 -0.41
N ALA A 90 -16.46 11.74 -1.06
CA ALA A 90 -16.16 12.73 -2.10
C ALA A 90 -17.00 12.44 -3.33
N GLU A 91 -17.17 11.15 -3.64
CA GLU A 91 -18.06 10.73 -4.70
C GLU A 91 -19.50 11.18 -4.42
N ASN A 92 -19.99 11.05 -3.16
CA ASN A 92 -21.31 11.54 -2.83
C ASN A 92 -21.38 13.06 -2.94
N GLN A 93 -20.28 13.77 -2.65
CA GLN A 93 -20.29 15.24 -2.68
C GLN A 93 -20.33 15.77 -4.11
N ARG A 94 -19.68 15.07 -5.05
CA ARG A 94 -19.79 15.38 -6.47
C ARG A 94 -21.27 15.30 -6.88
N GLU A 95 -21.92 14.16 -6.60
CA GLU A 95 -23.31 13.95 -6.98
C GLU A 95 -24.19 15.03 -6.35
N TYR A 96 -23.88 15.40 -5.12
CA TYR A 96 -24.63 16.45 -4.44
C TYR A 96 -24.51 17.78 -5.19
N SER A 97 -23.29 18.21 -5.51
CA SER A 97 -23.05 19.51 -6.13
C SER A 97 -23.73 19.59 -7.50
N ASN A 98 -23.61 18.51 -8.29
CA ASN A 98 -24.29 18.43 -9.56
C ASN A 98 -25.76 18.75 -9.37
N GLY A 99 -26.40 18.16 -8.34
CA GLY A 99 -27.75 18.54 -7.95
C GLY A 99 -27.86 20.04 -7.72
N LYS A 100 -27.08 20.56 -6.77
CA LYS A 100 -27.28 21.90 -6.25
C LYS A 100 -27.12 22.93 -7.38
N TYR A 101 -26.06 22.82 -8.18
CA TYR A 101 -25.71 23.79 -9.20
C TYR A 101 -26.11 23.33 -10.60
N LYS A 102 -26.92 22.27 -10.70
CA LYS A 102 -27.47 21.79 -11.97
C LYS A 102 -26.33 21.56 -12.97
N GLN A 103 -25.32 20.78 -12.55
CA GLN A 103 -24.12 20.51 -13.32
C GLN A 103 -24.04 19.02 -13.62
N ASN A 104 -23.05 18.62 -14.43
CA ASN A 104 -22.83 17.21 -14.76
C ASN A 104 -21.36 16.86 -14.63
N ARG A 105 -20.64 17.52 -13.71
CA ARG A 105 -19.26 17.18 -13.49
C ARG A 105 -19.16 15.68 -13.23
N VAL A 106 -18.36 14.98 -14.03
CA VAL A 106 -18.26 13.53 -13.99
C VAL A 106 -17.14 13.09 -13.03
N GLU A 107 -16.31 14.03 -12.55
CA GLU A 107 -15.09 13.65 -11.85
C GLU A 107 -14.98 14.38 -10.52
N VAL A 108 -14.39 13.69 -9.54
CA VAL A 108 -14.15 14.25 -8.21
C VAL A 108 -13.00 15.24 -8.31
N ASN A 109 -13.13 16.40 -7.64
CA ASN A 109 -12.06 17.38 -7.60
C ASN A 109 -11.81 17.87 -6.17
N SER A 110 -10.79 18.72 -6.00
CA SER A 110 -10.37 19.24 -4.72
C SER A 110 -11.49 19.97 -3.97
N ASN A 111 -12.49 20.55 -4.64
CA ASN A 111 -13.57 21.17 -3.91
C ASN A 111 -14.35 20.08 -3.16
N ASP A 112 -14.57 18.92 -3.79
CA ASP A 112 -15.31 17.88 -3.11
C ASP A 112 -14.57 17.48 -1.86
N ILE A 113 -13.26 17.26 -2.00
CA ILE A 113 -12.47 16.74 -0.90
C ILE A 113 -12.49 17.78 0.24
N PHE A 114 -12.32 19.04 -0.11
CA PHE A 114 -12.28 20.07 0.89
C PHE A 114 -13.61 20.09 1.66
N GLU A 115 -14.75 19.99 0.96
CA GLU A 115 -16.04 20.19 1.59
C GLU A 115 -16.35 19.03 2.54
N VAL A 116 -16.08 17.81 2.10
CA VAL A 116 -16.29 16.67 2.95
C VAL A 116 -15.53 16.91 4.25
N LEU A 117 -14.21 17.19 4.16
CA LEU A 117 -13.37 17.23 5.36
C LEU A 117 -13.68 18.47 6.20
N LYS A 118 -14.04 19.60 5.59
CA LYS A 118 -14.43 20.75 6.38
C LYS A 118 -15.58 20.38 7.30
N ARG A 119 -16.58 19.65 6.79
CA ARG A 119 -17.77 19.35 7.58
C ARG A 119 -17.47 18.30 8.65
N ALA A 120 -16.78 17.24 8.25
CA ALA A 120 -16.39 16.20 9.19
C ALA A 120 -15.63 16.81 10.35
N PHE A 121 -14.63 17.66 10.06
CA PHE A 121 -13.79 18.24 11.09
C PHE A 121 -14.61 19.19 11.95
N GLY A 122 -15.55 19.92 11.34
CA GLY A 122 -16.30 20.92 12.05
C GLY A 122 -17.21 20.33 13.11
N VAL A 123 -17.88 19.22 12.76
CA VAL A 123 -18.77 18.53 13.67
C VAL A 123 -17.94 17.77 14.71
N LEU A 124 -16.85 17.14 14.29
CA LEU A 124 -15.96 16.49 15.26
C LEU A 124 -15.49 17.50 16.31
N LYS A 125 -15.05 18.68 15.88
CA LYS A 125 -14.58 19.68 16.82
C LYS A 125 -15.69 20.08 17.77
N MET A 126 -16.91 20.23 17.25
CA MET A 126 -18.02 20.65 18.09
C MET A 126 -18.21 19.63 19.23
N TYR A 127 -18.33 18.34 18.90
CA TYR A 127 -18.59 17.31 19.88
C TYR A 127 -17.37 17.13 20.79
N ARG A 128 -16.15 17.24 20.26
CA ARG A 128 -14.99 17.28 21.13
C ARG A 128 -15.16 18.35 22.22
N ASP A 129 -15.56 19.57 21.87
CA ASP A 129 -15.67 20.63 22.88
C ASP A 129 -16.77 20.35 23.89
N LEU A 130 -17.94 19.87 23.47
CA LEU A 130 -19.04 19.62 24.39
C LEU A 130 -18.72 18.49 25.38
N THR A 131 -18.08 17.43 24.91
CA THR A 131 -17.85 16.25 25.74
C THR A 131 -16.62 16.41 26.64
N ASN A 132 -15.75 17.39 26.38
CA ASN A 132 -14.56 17.59 27.22
C ASN A 132 -14.71 18.81 28.13
N ALA A 133 -15.96 19.21 28.46
CA ALA A 133 -16.22 20.37 29.29
C ALA A 133 -17.40 20.08 30.21
N TYR A 134 -17.27 20.40 31.50
CA TYR A 134 -18.36 20.14 32.44
C TYR A 134 -19.56 21.00 32.03
N LYS A 135 -19.31 22.29 31.78
CA LYS A 135 -20.37 23.20 31.38
C LYS A 135 -19.78 24.27 30.46
N THR A 136 -20.29 24.31 29.22
CA THR A 136 -20.07 25.42 28.32
C THR A 136 -21.41 25.78 27.68
N TYR A 137 -21.51 27.01 27.19
CA TYR A 137 -22.57 27.40 26.27
C TYR A 137 -22.11 27.01 24.87
N GLU A 138 -23.04 26.46 24.08
CA GLU A 138 -22.80 26.19 22.67
C GLU A 138 -23.91 26.83 21.84
N GLU A 139 -23.57 27.98 21.23
CA GLU A 139 -24.45 28.64 20.27
C GLU A 139 -24.79 27.71 19.11
N LYS A 140 -23.84 26.84 18.72
CA LYS A 140 -23.98 26.02 17.52
C LYS A 140 -25.11 24.99 17.65
N LEU A 141 -25.66 24.77 18.86
CA LEU A 141 -26.76 23.83 19.02
C LEU A 141 -28.11 24.51 18.84
N ASN A 142 -28.16 25.85 18.77
CA ASN A 142 -29.42 26.57 18.59
C ASN A 142 -30.07 26.14 17.28
N ASP A 143 -31.34 25.73 17.35
CA ASP A 143 -32.08 25.28 16.18
C ASP A 143 -32.07 26.36 15.10
N GLY A 144 -31.87 25.91 13.86
CA GLY A 144 -31.95 26.77 12.69
C GLY A 144 -30.71 27.63 12.49
N CYS A 145 -29.67 27.47 13.32
CA CYS A 145 -28.48 28.30 13.22
C CYS A 145 -27.66 27.91 11.98
N GLU A 146 -26.66 28.74 11.66
CA GLU A 146 -25.83 28.55 10.48
C GLU A 146 -25.05 27.23 10.60
N PHE A 147 -24.48 26.95 11.78
CA PHE A 147 -23.65 25.77 11.96
C PHE A 147 -24.47 24.52 11.63
N LEU A 148 -25.71 24.46 12.15
CA LEU A 148 -26.57 23.32 11.91
C LEU A 148 -26.94 23.24 10.42
N THR A 149 -27.38 24.37 9.84
CA THR A 149 -27.90 24.34 8.48
C THR A 149 -26.79 24.10 7.45
N SER A 150 -25.60 24.66 7.67
CA SER A 150 -24.54 24.63 6.69
C SER A 150 -23.63 23.42 6.86
N THR A 151 -23.40 22.96 8.10
CA THR A 151 -22.35 21.99 8.38
C THR A 151 -22.95 20.69 8.93
N GLU A 152 -23.65 20.77 10.09
CA GLU A 152 -24.03 19.58 10.82
C GLU A 152 -25.11 18.78 10.10
N GLN A 153 -26.17 19.44 9.64
CA GLN A 153 -27.26 18.71 9.00
C GLN A 153 -26.81 18.12 7.66
N PRO A 154 -26.08 18.83 6.78
CA PRO A 154 -25.48 18.17 5.63
C PRO A 154 -24.62 16.97 6.02
N LEU A 155 -23.88 17.03 7.13
CA LEU A 155 -22.97 15.96 7.45
C LEU A 155 -23.76 14.71 7.83
N SER A 156 -24.88 14.88 8.54
CA SER A 156 -25.67 13.73 8.95
C SER A 156 -26.16 12.95 7.73
N GLY A 157 -26.56 13.64 6.66
CA GLY A 157 -27.01 12.95 5.48
C GLY A 157 -25.86 12.29 4.73
N MET A 158 -24.71 12.97 4.69
CA MET A 158 -23.51 12.39 4.11
C MET A 158 -23.16 11.11 4.84
N ILE A 159 -23.14 11.12 6.20
CA ILE A 159 -22.75 9.96 6.99
C ILE A 159 -23.71 8.81 6.71
N ASN A 160 -25.01 9.12 6.66
CA ASN A 160 -25.98 8.11 6.33
C ASN A 160 -25.75 7.52 4.94
N ASN A 161 -25.41 8.34 3.95
CA ASN A 161 -25.14 7.78 2.63
C ASN A 161 -23.81 7.03 2.62
N TYR A 162 -22.83 7.49 3.41
CA TYR A 162 -21.56 6.79 3.52
C TYR A 162 -21.83 5.36 3.99
N TYR A 163 -22.72 5.20 4.99
CA TYR A 163 -22.92 3.90 5.61
C TYR A 163 -23.59 2.95 4.61
N THR A 164 -24.49 3.43 3.74
CA THR A 164 -24.99 2.55 2.68
C THR A 164 -23.84 1.84 1.96
N VAL A 165 -22.78 2.57 1.61
CA VAL A 165 -21.70 2.00 0.83
C VAL A 165 -20.81 1.15 1.73
N ALA A 166 -20.55 1.61 2.95
CA ALA A 166 -19.75 0.83 3.89
C ALA A 166 -20.35 -0.56 4.06
N LEU A 167 -21.66 -0.69 4.19
CA LEU A 167 -22.26 -2.02 4.32
C LEU A 167 -22.09 -2.83 3.04
N ARG A 168 -22.14 -2.20 1.86
CA ARG A 168 -21.83 -2.93 0.64
C ARG A 168 -20.39 -3.45 0.68
N ASN A 169 -19.45 -2.66 1.22
CA ASN A 169 -18.07 -3.08 1.31
C ASN A 169 -17.86 -4.28 2.25
N MET A 170 -18.77 -4.46 3.22
CA MET A 170 -18.70 -5.58 4.13
C MET A 170 -18.75 -6.91 3.37
N ASN A 171 -19.61 -7.01 2.33
CA ASN A 171 -19.68 -8.22 1.52
C ASN A 171 -18.31 -8.55 0.92
N GLU A 172 -17.68 -7.58 0.26
CA GLU A 172 -16.39 -7.83 -0.37
C GLU A 172 -15.35 -8.24 0.68
N ARG A 173 -15.27 -7.52 1.80
CA ARG A 173 -14.14 -7.58 2.71
C ARG A 173 -14.23 -8.78 3.64
N TYR A 174 -15.43 -9.20 4.05
CA TYR A 174 -15.55 -10.30 5.00
C TYR A 174 -16.47 -11.41 4.48
N GLY A 175 -16.97 -11.28 3.26
CA GLY A 175 -17.76 -12.36 2.71
C GLY A 175 -19.13 -12.48 3.36
N TYR A 176 -19.73 -11.35 3.81
CA TYR A 176 -21.04 -11.45 4.46
C TYR A 176 -22.08 -11.52 3.36
N LYS A 177 -23.18 -12.24 3.60
CA LYS A 177 -24.24 -12.39 2.60
C LYS A 177 -25.44 -11.52 2.98
N THR A 178 -26.44 -11.47 2.10
CA THR A 178 -27.61 -10.62 2.30
C THR A 178 -28.28 -10.96 3.62
N GLU A 179 -28.27 -12.24 4.00
CA GLU A 179 -28.99 -12.71 5.17
C GLU A 179 -28.26 -12.22 6.41
N ASP A 180 -26.93 -12.14 6.33
CA ASP A 180 -26.10 -11.70 7.43
C ASP A 180 -26.34 -10.24 7.75
N LEU A 181 -26.52 -9.40 6.73
CA LEU A 181 -26.62 -7.96 6.93
C LEU A 181 -28.06 -7.48 7.01
N ALA A 182 -29.06 -8.34 6.79
CA ALA A 182 -30.45 -7.88 6.68
C ALA A 182 -30.95 -7.22 7.97
N PHE A 183 -30.46 -7.64 9.14
CA PHE A 183 -30.86 -7.04 10.41
C PHE A 183 -30.52 -5.55 10.42
N ILE A 184 -29.55 -5.08 9.61
CA ILE A 184 -29.31 -3.66 9.39
C ILE A 184 -29.96 -3.21 8.09
N GLN A 185 -29.65 -3.87 6.97
CA GLN A 185 -30.04 -3.35 5.67
C GLN A 185 -31.56 -3.29 5.51
N ASP A 186 -32.30 -4.25 6.06
CA ASP A 186 -33.75 -4.25 5.92
C ASP A 186 -34.43 -3.24 6.84
N LYS A 187 -33.74 -2.63 7.81
CA LYS A 187 -34.45 -1.86 8.83
C LYS A 187 -33.99 -0.41 8.96
N ARG A 188 -33.00 0.00 8.17
CA ARG A 188 -32.47 1.35 8.24
C ARG A 188 -33.49 2.37 7.74
N PHE A 189 -34.18 2.05 6.62
CA PHE A 189 -35.12 2.93 5.95
C PHE A 189 -36.53 2.34 6.02
N LYS A 190 -37.53 3.22 6.14
CA LYS A 190 -38.92 2.84 6.27
C LYS A 190 -39.62 3.26 4.99
N PHE A 191 -40.86 2.77 4.77
CA PHE A 191 -41.66 3.12 3.59
C PHE A 191 -43.04 3.62 4.05
N SER A 201 -39.45 6.75 0.54
CA SER A 201 -38.57 6.04 1.51
C SER A 201 -37.97 7.04 2.51
N GLN A 202 -38.23 6.81 3.79
CA GLN A 202 -37.69 7.62 4.88
C GLN A 202 -36.50 6.89 5.51
N VAL A 203 -35.73 7.62 6.33
CA VAL A 203 -34.81 7.06 7.30
C VAL A 203 -35.62 6.67 8.53
N ASN A 204 -35.46 5.42 8.95
CA ASN A 204 -36.15 4.90 10.11
C ASN A 204 -35.41 5.34 11.37
N THR A 205 -35.76 6.50 11.92
CA THR A 205 -35.04 7.02 13.09
C THR A 205 -35.29 6.15 14.31
N GLY A 206 -36.29 5.25 14.26
CA GLY A 206 -36.59 4.37 15.39
C GLY A 206 -35.69 3.13 15.43
N PHE A 207 -34.97 2.87 14.34
CA PHE A 207 -34.04 1.74 14.28
C PHE A 207 -32.93 1.96 15.29
N PHE A 208 -32.48 0.88 15.95
CA PHE A 208 -31.57 0.98 17.09
C PHE A 208 -30.21 1.49 16.64
N LEU A 209 -29.81 1.18 15.40
CA LEU A 209 -28.55 1.68 14.88
C LEU A 209 -28.76 2.81 13.87
N SER A 210 -29.81 3.62 14.07
CA SER A 210 -30.04 4.79 13.23
C SER A 210 -28.93 5.84 13.43
N LEU A 211 -28.38 6.32 12.31
CA LEU A 211 -27.33 7.34 12.35
C LEU A 211 -27.93 8.75 12.37
N GLN A 212 -29.24 8.92 12.18
CA GLN A 212 -29.83 10.25 12.23
C GLN A 212 -31.00 10.29 13.22
N ASP A 213 -31.23 11.46 13.81
CA ASP A 213 -32.37 11.65 14.71
C ASP A 213 -32.78 13.12 14.70
N TYR A 214 -33.95 13.44 15.25
CA TYR A 214 -34.36 14.85 15.33
C TYR A 214 -33.64 15.53 16.49
N ASN A 215 -33.17 14.76 17.48
CA ASN A 215 -32.49 15.35 18.63
C ASN A 215 -33.29 16.53 19.18
N GLY A 216 -34.61 16.37 19.32
CA GLY A 216 -35.47 17.40 19.89
C GLY A 216 -35.34 18.75 19.18
N ASP A 217 -35.20 18.73 17.85
CA ASP A 217 -35.17 19.93 17.04
C ASP A 217 -36.60 20.26 16.64
N THR A 218 -37.10 21.43 17.09
CA THR A 218 -38.48 21.84 16.83
C THR A 218 -38.72 22.02 15.32
N GLN A 219 -37.69 22.42 14.58
CA GLN A 219 -37.77 22.57 13.13
C GLN A 219 -37.91 21.21 12.43
N LYS A 220 -37.61 20.10 13.14
CA LYS A 220 -37.84 18.74 12.67
C LYS A 220 -36.96 18.43 11.47
N LYS A 221 -35.65 18.63 11.66
CA LYS A 221 -34.63 18.32 10.67
C LYS A 221 -33.70 17.26 11.24
N LEU A 222 -33.20 16.37 10.39
CA LEU A 222 -32.40 15.24 10.82
C LEU A 222 -30.98 15.70 11.13
N HIS A 223 -30.54 15.40 12.36
CA HIS A 223 -29.18 15.61 12.80
C HIS A 223 -28.51 14.26 12.99
N LEU A 224 -27.20 14.27 13.31
CA LEU A 224 -26.51 13.07 13.70
C LEU A 224 -27.07 12.60 15.05
N SER A 225 -27.37 11.31 15.13
CA SER A 225 -27.74 10.65 16.37
C SER A 225 -26.48 10.31 17.15
N GLY A 226 -26.61 9.84 18.40
CA GLY A 226 -25.47 9.37 19.19
C GLY A 226 -24.68 8.29 18.47
N VAL A 227 -25.36 7.29 17.94
CA VAL A 227 -24.68 6.27 17.16
C VAL A 227 -23.98 6.96 15.97
N GLY A 228 -24.66 7.90 15.32
CA GLY A 228 -24.04 8.64 14.23
C GLY A 228 -22.76 9.35 14.65
N ILE A 229 -22.73 9.93 15.86
CA ILE A 229 -21.55 10.63 16.36
C ILE A 229 -20.43 9.62 16.65
N ALA A 230 -20.79 8.47 17.25
CA ALA A 230 -19.86 7.38 17.42
C ALA A 230 -19.24 6.94 16.09
N LEU A 231 -20.05 6.86 15.03
CA LEU A 231 -19.56 6.44 13.73
C LEU A 231 -18.57 7.47 13.21
N LEU A 232 -18.93 8.75 13.26
CA LEU A 232 -18.03 9.79 12.80
C LEU A 232 -16.68 9.66 13.52
N ILE A 233 -16.69 9.57 14.86
CA ILE A 233 -15.45 9.42 15.61
C ILE A 233 -14.65 8.21 15.12
N CYS A 234 -15.28 7.06 14.93
CA CYS A 234 -14.57 5.84 14.61
C CYS A 234 -13.92 5.88 13.22
N LEU A 235 -14.32 6.79 12.35
CA LEU A 235 -13.62 6.98 11.08
C LEU A 235 -12.18 7.45 11.35
N PHE A 236 -11.94 8.14 12.49
CA PHE A 236 -10.64 8.68 12.83
C PHE A 236 -9.92 7.86 13.90
N LEU A 237 -10.32 6.61 14.17
CA LEU A 237 -9.62 5.80 15.15
C LEU A 237 -8.98 4.57 14.48
N ASP A 238 -7.87 4.08 15.06
CA ASP A 238 -7.37 2.73 14.87
C ASP A 238 -8.39 1.68 15.32
N LYS A 239 -8.32 0.49 14.69
CA LYS A 239 -9.20 -0.63 14.98
C LYS A 239 -9.20 -1.01 16.47
N GLN A 240 -8.05 -0.93 17.12
CA GLN A 240 -7.95 -1.30 18.52
C GLN A 240 -8.83 -0.37 19.33
N TYR A 241 -8.81 0.93 19.00
CA TYR A 241 -9.53 1.91 19.79
C TYR A 241 -11.01 1.89 19.40
N ILE A 242 -11.33 1.56 18.14
CA ILE A 242 -12.72 1.38 17.77
C ILE A 242 -13.35 0.33 18.67
N ASN A 243 -12.61 -0.75 18.96
CA ASN A 243 -13.12 -1.87 19.71
C ASN A 243 -13.28 -1.46 21.17
N ILE A 244 -12.27 -0.78 21.73
CA ILE A 244 -12.34 -0.32 23.12
C ILE A 244 -13.49 0.66 23.29
N PHE A 245 -13.68 1.58 22.33
CA PHE A 245 -14.66 2.65 22.44
C PHE A 245 -16.07 2.07 22.37
N LEU A 246 -16.36 1.31 21.32
CA LEU A 246 -17.73 0.89 21.04
C LEU A 246 -18.23 -0.09 22.09
N SER A 247 -17.36 -0.99 22.56
CA SER A 247 -17.64 -1.92 23.65
C SER A 247 -18.18 -1.24 24.92
N ARG A 248 -17.90 0.04 25.14
CA ARG A 248 -18.43 0.75 26.29
C ARG A 248 -19.85 1.26 26.06
N LEU A 249 -20.35 1.22 24.83
CA LEU A 249 -21.58 1.92 24.46
C LEU A 249 -22.70 0.91 24.31
N PRO A 250 -23.93 1.18 24.85
CA PRO A 250 -25.07 0.31 24.62
C PRO A 250 -25.70 0.55 23.26
N ILE A 251 -25.02 0.11 22.19
CA ILE A 251 -25.48 0.34 20.83
C ILE A 251 -25.77 -0.99 20.11
N PHE A 252 -25.85 -2.12 20.84
CA PHE A 252 -26.01 -3.42 20.21
C PHE A 252 -27.38 -4.05 20.49
N SER A 253 -28.41 -3.23 20.73
CA SER A 253 -29.73 -3.69 21.17
C SER A 253 -29.57 -4.89 22.10
N SER A 254 -29.98 -6.09 21.69
CA SER A 254 -29.99 -7.26 22.57
C SER A 254 -28.96 -8.31 22.14
N TYR A 255 -28.23 -8.06 21.05
CA TYR A 255 -27.12 -8.92 20.65
C TYR A 255 -26.05 -8.87 21.73
N ASN A 256 -25.45 -10.04 22.05
CA ASN A 256 -24.53 -10.16 23.18
C ASN A 256 -23.08 -10.18 22.69
N ALA A 257 -22.14 -10.13 23.64
CA ALA A 257 -20.71 -9.98 23.35
C ALA A 257 -20.21 -10.95 22.28
N GLN A 258 -20.74 -12.17 22.25
CA GLN A 258 -20.24 -13.22 21.37
C GLN A 258 -21.00 -13.28 20.04
N SER A 259 -22.06 -12.47 19.88
CA SER A 259 -22.92 -12.55 18.71
C SER A 259 -22.18 -12.16 17.44
N GLU A 260 -22.64 -12.70 16.31
CA GLU A 260 -22.13 -12.29 15.01
C GLU A 260 -22.59 -10.87 14.70
N GLU A 261 -23.79 -10.50 15.18
CA GLU A 261 -24.35 -9.20 14.90
C GLU A 261 -23.48 -8.12 15.52
N ARG A 262 -22.98 -8.36 16.74
CA ARG A 262 -22.10 -7.39 17.39
C ARG A 262 -20.83 -7.23 16.55
N ARG A 263 -20.28 -8.36 16.09
CA ARG A 263 -19.08 -8.28 15.29
C ARG A 263 -19.33 -7.55 13.98
N ILE A 264 -20.51 -7.74 13.36
CA ILE A 264 -20.84 -7.04 12.12
C ILE A 264 -20.88 -5.55 12.39
N ILE A 265 -21.59 -5.14 13.45
CA ILE A 265 -21.68 -3.73 13.76
C ILE A 265 -20.27 -3.15 13.88
N ILE A 266 -19.42 -3.73 14.73
CA ILE A 266 -18.10 -3.17 14.97
C ILE A 266 -17.31 -3.15 13.67
N ARG A 267 -17.33 -4.25 12.93
CA ARG A 267 -16.60 -4.26 11.68
C ARG A 267 -17.08 -3.17 10.75
N SER A 268 -18.39 -2.91 10.71
CA SER A 268 -18.91 -1.86 9.84
C SER A 268 -18.38 -0.49 10.27
N PHE A 269 -18.01 -0.30 11.54
CA PHE A 269 -17.56 1.01 11.99
C PHE A 269 -16.05 1.16 11.83
N GLY A 270 -15.37 0.18 11.25
CA GLY A 270 -13.93 0.32 11.10
C GLY A 270 -13.47 0.09 9.67
N ILE A 271 -14.38 -0.36 8.81
CA ILE A 271 -14.01 -0.87 7.51
C ILE A 271 -13.25 0.14 6.65
N ASN A 272 -13.55 1.44 6.72
CA ASN A 272 -12.85 2.43 5.92
C ASN A 272 -12.13 3.47 6.78
N SER A 273 -11.65 3.10 7.98
CA SER A 273 -11.19 4.09 8.95
C SER A 273 -9.74 4.49 8.67
N ILE A 274 -9.30 5.55 9.34
CA ILE A 274 -7.98 6.15 9.20
C ILE A 274 -6.86 5.12 9.16
N LYS A 275 -5.91 5.31 8.22
CA LYS A 275 -4.63 4.63 8.24
C LYS A 275 -3.58 5.64 8.68
N LEU A 276 -2.97 5.46 9.86
CA LEU A 276 -2.03 6.45 10.35
C LEU A 276 -0.67 6.20 9.73
N PRO A 277 0.13 7.25 9.36
CA PRO A 277 1.50 7.03 8.91
C PRO A 277 2.35 6.35 9.97
N LYS A 278 3.15 5.34 9.58
CA LYS A 278 3.96 4.56 10.51
C LYS A 278 5.28 5.28 10.78
N ASP A 279 5.71 5.34 12.04
CA ASP A 279 7.08 5.75 12.36
C ASP A 279 8.03 4.60 12.10
N ARG A 280 9.13 4.90 11.41
CA ARG A 280 10.09 3.91 10.93
C ARG A 280 10.77 3.20 12.11
N ILE A 281 10.93 1.89 11.97
CA ILE A 281 11.50 0.98 12.94
C ILE A 281 12.60 0.20 12.23
N HIS A 282 13.68 -0.13 12.92
CA HIS A 282 14.68 -0.96 12.29
C HIS A 282 15.07 -2.01 13.31
N SER A 283 14.64 -3.26 13.05
CA SER A 283 14.94 -4.38 13.92
C SER A 283 16.33 -4.91 13.63
N GLU A 284 17.03 -5.36 14.66
CA GLU A 284 18.26 -6.11 14.46
C GLU A 284 17.89 -7.53 14.06
N LYS A 285 18.43 -8.01 12.93
CA LYS A 285 18.18 -9.35 12.46
C LYS A 285 19.31 -10.28 12.91
N SER A 286 19.01 -11.58 12.96
CA SER A 286 19.98 -12.62 13.26
C SER A 286 19.55 -13.94 12.60
N ASN A 287 20.43 -14.95 12.62
CA ASN A 287 20.02 -16.30 12.29
C ASN A 287 18.72 -16.71 12.99
N LYS A 288 18.61 -16.50 14.31
CA LYS A 288 17.39 -16.89 15.00
C LYS A 288 16.22 -16.05 14.52
N SER A 289 16.39 -14.75 14.39
CA SER A 289 15.27 -13.90 14.02
C SER A 289 14.79 -14.28 12.61
N VAL A 290 15.70 -14.68 11.72
CA VAL A 290 15.33 -14.96 10.34
C VAL A 290 14.50 -16.25 10.34
N ALA A 291 14.97 -17.25 11.09
CA ALA A 291 14.25 -18.50 11.27
C ALA A 291 12.82 -18.25 11.74
N MET A 292 12.63 -17.27 12.62
CA MET A 292 11.32 -17.02 13.20
C MET A 292 10.49 -16.19 12.23
N ASP A 293 11.13 -15.40 11.40
CA ASP A 293 10.43 -14.66 10.36
C ASP A 293 9.92 -15.62 9.28
N MET A 294 10.60 -16.75 9.10
CA MET A 294 10.25 -17.74 8.10
C MET A 294 9.04 -18.53 8.58
N LEU A 295 9.06 -19.00 9.84
CA LEU A 295 7.95 -19.76 10.40
C LEU A 295 6.69 -18.91 10.49
N ASN A 296 6.83 -17.63 10.78
CA ASN A 296 5.65 -16.80 10.85
C ASN A 296 5.16 -16.45 9.45
N GLU A 297 5.97 -16.66 8.39
CA GLU A 297 5.54 -16.44 7.02
C GLU A 297 4.64 -17.59 6.56
N VAL A 298 5.02 -18.84 6.89
CA VAL A 298 4.35 -20.01 6.35
C VAL A 298 3.02 -20.27 7.06
N LYS A 299 2.77 -19.67 8.24
CA LYS A 299 1.49 -19.87 8.92
C LYS A 299 0.42 -18.98 8.28
N ARG A 300 0.83 -17.99 7.48
CA ARG A 300 -0.11 -17.05 6.90
C ARG A 300 -0.58 -17.55 5.54
N CYS A 301 -1.80 -17.14 5.16
CA CYS A 301 -2.37 -17.54 3.90
C CYS A 301 -1.75 -16.71 2.77
N PRO A 302 -1.24 -17.32 1.68
CA PRO A 302 -0.87 -16.54 0.51
C PRO A 302 -2.07 -15.77 -0.03
N ASP A 303 -1.83 -14.58 -0.57
CA ASP A 303 -2.90 -13.71 -0.99
C ASP A 303 -3.67 -14.33 -2.16
N GLU A 304 -2.97 -14.94 -3.11
CA GLU A 304 -3.65 -15.56 -4.24
C GLU A 304 -4.64 -16.63 -3.77
N LEU A 305 -4.26 -17.41 -2.75
CA LEU A 305 -5.14 -18.41 -2.18
C LEU A 305 -6.33 -17.74 -1.46
N PHE A 306 -6.08 -16.70 -0.67
CA PHE A 306 -7.10 -16.12 0.19
C PHE A 306 -8.30 -15.67 -0.65
N THR A 307 -8.05 -15.05 -1.79
CA THR A 307 -9.09 -14.62 -2.70
C THR A 307 -10.04 -15.77 -3.09
N THR A 308 -9.54 -17.00 -3.20
CA THR A 308 -10.35 -18.09 -3.75
C THR A 308 -11.17 -18.78 -2.67
N LEU A 309 -10.94 -18.50 -1.38
CA LEU A 309 -11.53 -19.28 -0.30
C LEU A 309 -12.92 -18.75 0.08
N SER A 310 -13.79 -19.66 0.52
CA SER A 310 -15.09 -19.32 1.10
C SER A 310 -14.94 -18.49 2.36
N ALA A 311 -16.00 -17.75 2.72
CA ALA A 311 -15.93 -16.78 3.81
C ALA A 311 -15.63 -17.49 5.12
N GLU A 312 -16.13 -18.72 5.26
CA GLU A 312 -15.85 -19.52 6.44
C GLU A 312 -14.35 -19.76 6.54
N LYS A 313 -13.72 -20.22 5.45
CA LYS A 313 -12.31 -20.53 5.52
C LYS A 313 -11.45 -19.27 5.53
N GLN A 314 -11.86 -18.19 4.87
CA GLN A 314 -11.16 -16.94 5.07
C GLN A 314 -11.19 -16.54 6.55
N SER A 315 -12.30 -16.86 7.25
CA SER A 315 -12.45 -16.46 8.64
C SER A 315 -11.41 -17.18 9.50
N ARG A 316 -10.90 -18.33 9.06
CA ARG A 316 -9.96 -19.11 9.87
C ARG A 316 -8.57 -18.45 9.95
N PHE A 317 -8.30 -17.46 9.08
CA PHE A 317 -7.06 -16.71 9.15
C PHE A 317 -7.23 -15.46 10.02
N ARG A 318 -8.46 -15.14 10.45
CA ARG A 318 -8.68 -14.00 11.33
C ARG A 318 -8.57 -14.49 12.77
N ILE A 319 -7.45 -14.17 13.41
CA ILE A 319 -7.04 -14.76 14.67
C ILE A 319 -7.16 -13.69 15.75
N ILE A 320 -7.33 -14.10 17.00
CA ILE A 320 -7.18 -13.20 18.14
C ILE A 320 -5.76 -13.39 18.70
N SER A 321 -5.03 -12.28 18.84
CA SER A 321 -3.68 -12.29 19.39
C SER A 321 -3.69 -12.53 20.91
N ASP A 322 -2.51 -12.62 21.54
CA ASP A 322 -2.37 -12.56 23.00
C ASP A 322 -2.97 -11.29 23.60
N ASP A 323 -2.75 -10.11 22.98
CA ASP A 323 -3.32 -8.88 23.51
C ASP A 323 -4.73 -8.67 22.95
N HIS A 324 -5.45 -9.77 22.72
CA HIS A 324 -6.88 -9.74 22.44
C HIS A 324 -7.20 -8.81 21.25
N ASN A 325 -6.34 -8.84 20.23
CA ASN A 325 -6.53 -8.05 19.02
C ASN A 325 -6.69 -8.97 17.81
N GLU A 326 -7.70 -8.69 16.98
CA GLU A 326 -7.96 -9.51 15.81
C GLU A 326 -6.91 -9.16 14.76
N VAL A 327 -6.33 -10.19 14.14
CA VAL A 327 -5.27 -10.03 13.16
C VAL A 327 -5.61 -10.86 11.93
N LEU A 328 -5.47 -10.29 10.72
CA LEU A 328 -5.63 -11.07 9.51
C LEU A 328 -4.30 -11.74 9.20
N MET A 329 -4.21 -13.07 9.39
CA MET A 329 -2.99 -13.82 9.09
C MET A 329 -2.94 -14.10 7.59
N LYS A 330 -2.67 -13.06 6.80
CA LYS A 330 -2.56 -13.18 5.37
C LYS A 330 -1.27 -12.50 4.92
N ARG A 331 -0.60 -13.05 3.89
CA ARG A 331 0.66 -12.52 3.39
C ARG A 331 0.38 -11.26 2.59
N SER A 332 1.05 -10.15 2.88
CA SER A 332 0.84 -8.93 2.11
C SER A 332 1.69 -8.95 0.84
N SER A 333 2.75 -9.77 0.84
CA SER A 333 3.56 -9.99 -0.34
C SER A 333 4.30 -11.31 -0.21
N ASP A 334 4.81 -11.81 -1.33
CA ASP A 334 5.65 -12.98 -1.30
C ASP A 334 7.07 -12.57 -0.87
N ARG A 335 7.41 -12.85 0.40
CA ARG A 335 8.71 -12.57 0.97
C ARG A 335 9.65 -13.78 0.95
N PHE A 336 9.32 -14.82 0.17
CA PHE A 336 10.19 -15.98 0.07
C PHE A 336 11.64 -15.58 -0.23
N VAL A 337 11.86 -14.73 -1.23
CA VAL A 337 13.18 -14.46 -1.78
C VAL A 337 13.96 -13.59 -0.80
N PRO A 338 13.49 -12.40 -0.35
CA PRO A 338 14.18 -11.67 0.70
C PRO A 338 14.51 -12.52 1.91
N LEU A 339 13.56 -13.37 2.35
CA LEU A 339 13.83 -14.22 3.48
C LEU A 339 15.04 -15.11 3.18
N LEU A 340 15.11 -15.65 1.95
CA LEU A 340 16.20 -16.53 1.58
C LEU A 340 17.53 -15.77 1.50
N LEU A 341 17.50 -14.53 1.02
CA LEU A 341 18.69 -13.71 0.99
C LEU A 341 19.17 -13.38 2.41
N GLN A 342 18.27 -13.00 3.31
CA GLN A 342 18.68 -12.79 4.70
C GLN A 342 19.28 -14.06 5.28
N TYR A 343 18.67 -15.20 4.98
CA TYR A 343 19.16 -16.47 5.48
C TYR A 343 20.62 -16.69 5.05
N ILE A 344 20.94 -16.40 3.79
CA ILE A 344 22.28 -16.64 3.26
C ILE A 344 23.28 -15.61 3.83
N ASP A 345 22.88 -14.33 3.88
CA ASP A 345 23.73 -13.29 4.42
C ASP A 345 24.03 -13.51 5.91
N TYR A 346 23.01 -13.58 6.77
CA TYR A 346 23.25 -13.72 8.20
C TYR A 346 23.94 -15.05 8.48
N GLY A 347 23.70 -16.06 7.66
CA GLY A 347 24.33 -17.35 7.86
C GLY A 347 25.78 -17.39 7.40
N LYS A 348 26.22 -16.40 6.61
CA LYS A 348 27.55 -16.40 6.01
C LYS A 348 27.77 -17.68 5.21
N LEU A 349 26.79 -18.00 4.36
CA LEU A 349 26.77 -19.23 3.61
C LEU A 349 27.42 -19.13 2.22
N PHE A 350 27.55 -17.93 1.62
CA PHE A 350 28.29 -17.75 0.36
C PHE A 350 29.60 -17.00 0.61
N ASP A 351 30.71 -17.58 0.16
CA ASP A 351 32.02 -16.98 0.32
C ASP A 351 32.31 -15.87 -0.69
N HIS A 352 31.74 -15.95 -1.88
CA HIS A 352 32.11 -15.11 -3.02
C HIS A 352 30.93 -14.32 -3.56
N ILE A 353 29.70 -14.86 -3.49
CA ILE A 353 28.58 -14.20 -4.14
C ILE A 353 28.06 -13.16 -3.17
N ARG A 354 27.78 -11.96 -3.67
CA ARG A 354 27.12 -10.95 -2.88
C ARG A 354 25.95 -10.36 -3.66
N PHE A 355 24.84 -10.07 -2.98
CA PHE A 355 23.63 -9.62 -3.64
C PHE A 355 23.64 -8.09 -3.78
N HIS A 356 22.84 -7.61 -4.71
CA HIS A 356 22.70 -6.22 -5.05
C HIS A 356 21.88 -5.48 -3.97
N VAL A 357 22.48 -4.48 -3.33
CA VAL A 357 21.79 -3.75 -2.27
C VAL A 357 21.68 -2.30 -2.72
N ASN A 358 20.64 -1.62 -2.26
CA ASN A 358 20.61 -0.17 -2.32
C ASN A 358 20.87 0.42 -0.94
N MET A 359 21.62 1.53 -0.88
CA MET A 359 22.00 2.16 0.38
C MET A 359 21.63 3.65 0.40
N GLY A 360 20.53 4.03 -0.25
CA GLY A 360 20.11 5.42 -0.25
C GLY A 360 20.28 6.07 -1.62
N LYS A 361 20.05 7.37 -1.68
CA LYS A 361 20.16 8.14 -2.91
C LYS A 361 21.05 9.33 -2.64
N LEU A 362 21.85 9.73 -3.63
CA LEU A 362 22.58 10.98 -3.59
C LEU A 362 21.68 12.05 -4.22
N ARG A 363 21.50 13.20 -3.56
CA ARG A 363 20.80 14.36 -4.12
C ARG A 363 21.79 15.49 -4.36
N TYR A 364 21.85 16.02 -5.59
CA TYR A 364 22.64 17.21 -5.84
C TYR A 364 21.75 18.26 -6.48
N LEU A 365 22.03 19.54 -6.15
CA LEU A 365 21.25 20.66 -6.64
C LEU A 365 21.81 21.12 -7.97
N LEU A 366 21.02 20.97 -9.04
CA LEU A 366 21.45 21.37 -10.36
C LEU A 366 21.18 22.86 -10.54
N LYS A 367 20.01 23.33 -10.11
CA LYS A 367 19.64 24.73 -10.20
C LYS A 367 18.62 25.08 -9.11
N ALA A 368 18.88 26.17 -8.39
CA ALA A 368 18.00 26.62 -7.32
C ALA A 368 16.74 27.27 -7.89
N ASP A 369 16.84 27.96 -9.03
CA ASP A 369 15.71 28.64 -9.67
C ASP A 369 15.58 28.19 -11.13
N LYS A 370 14.87 27.07 -11.36
CA LYS A 370 14.66 26.56 -12.70
C LYS A 370 13.23 26.87 -13.13
N THR A 371 13.08 27.63 -14.23
CA THR A 371 11.77 27.91 -14.80
C THR A 371 11.28 26.65 -15.51
N CYS A 372 10.07 26.22 -15.16
CA CYS A 372 9.53 24.96 -15.62
C CYS A 372 8.55 25.22 -16.76
N ILE A 373 7.95 24.18 -17.34
CA ILE A 373 7.14 24.37 -18.54
C ILE A 373 5.84 25.11 -18.22
N ASP A 374 5.45 25.20 -16.94
CA ASP A 374 4.32 26.02 -16.52
C ASP A 374 4.77 27.42 -16.10
N GLY A 375 6.07 27.73 -16.27
CA GLY A 375 6.55 29.09 -16.06
C GLY A 375 6.73 29.44 -14.59
N GLN A 376 6.62 28.44 -13.70
CA GLN A 376 6.88 28.61 -12.28
C GLN A 376 8.32 28.15 -12.03
N THR A 377 8.99 28.81 -11.08
CA THR A 377 10.39 28.53 -10.75
C THR A 377 10.42 27.45 -9.67
N ARG A 378 11.28 26.45 -9.84
CA ARG A 378 11.39 25.38 -8.86
C ARG A 378 12.85 24.93 -8.75
N VAL A 379 13.21 24.36 -7.59
CA VAL A 379 14.55 23.82 -7.40
C VAL A 379 14.62 22.56 -8.28
N ARG A 380 15.75 22.41 -8.98
CA ARG A 380 15.98 21.23 -9.77
C ARG A 380 17.04 20.38 -9.07
N VAL A 381 16.59 19.31 -8.40
CA VAL A 381 17.44 18.37 -7.71
C VAL A 381 17.50 17.07 -8.49
N ILE A 382 18.71 16.55 -8.72
CA ILE A 382 18.91 15.27 -9.38
C ILE A 382 19.27 14.21 -8.33
N GLU A 383 18.67 13.01 -8.45
CA GLU A 383 18.96 11.87 -7.58
C GLU A 383 19.67 10.74 -8.32
N GLN A 384 20.61 10.07 -7.64
CA GLN A 384 21.23 8.85 -8.12
C GLN A 384 21.14 7.79 -7.03
N PRO A 385 20.72 6.53 -7.30
CA PRO A 385 20.73 5.51 -6.27
C PRO A 385 22.14 5.06 -5.89
N LEU A 386 22.34 4.80 -4.60
CA LEU A 386 23.59 4.27 -4.12
C LEU A 386 23.46 2.76 -4.05
N ASN A 387 23.75 2.09 -5.17
CA ASN A 387 23.61 0.65 -5.28
C ASN A 387 24.99 0.02 -5.14
N GLY A 388 25.05 -1.15 -4.55
CA GLY A 388 26.32 -1.81 -4.32
C GLY A 388 26.09 -3.29 -4.05
N PHE A 389 27.10 -3.95 -3.50
CA PHE A 389 27.03 -5.39 -3.32
C PHE A 389 27.70 -5.75 -2.00
N GLY A 390 26.92 -6.39 -1.13
CA GLY A 390 27.51 -7.06 -0.01
C GLY A 390 26.43 -7.64 0.88
N ARG A 391 26.85 -8.34 1.95
CA ARG A 391 25.93 -8.85 2.94
C ARG A 391 25.29 -7.71 3.69
N LEU A 392 23.98 -7.83 3.87
CA LEU A 392 23.18 -6.71 4.32
C LEU A 392 23.75 -6.08 5.59
N GLU A 393 24.19 -6.88 6.58
CA GLU A 393 24.78 -6.34 7.80
C GLU A 393 26.10 -5.63 7.51
N GLU A 394 26.98 -6.19 6.67
CA GLU A 394 28.30 -5.59 6.49
C GLU A 394 28.13 -4.28 5.74
N ALA A 395 27.32 -4.29 4.67
CA ALA A 395 27.00 -3.08 3.93
C ALA A 395 26.42 -2.01 4.86
N GLU A 396 25.52 -2.40 5.77
CA GLU A 396 24.87 -1.44 6.66
C GLU A 396 25.86 -0.82 7.65
N THR A 397 26.82 -1.60 8.15
CA THR A 397 27.88 -1.06 9.01
C THR A 397 28.71 -0.02 8.26
N MET A 398 28.92 -0.20 6.94
CA MET A 398 29.72 0.73 6.14
C MET A 398 28.93 1.98 5.78
N ARG A 399 27.60 1.88 5.71
CA ARG A 399 26.80 2.90 5.07
C ARG A 399 26.86 4.15 5.92
N LYS A 400 26.73 3.99 7.25
CA LYS A 400 26.65 5.15 8.12
C LYS A 400 27.84 5.13 9.08
N GLN A 401 28.75 6.07 8.86
CA GLN A 401 29.91 6.27 9.70
C GLN A 401 29.47 6.95 11.00
N GLU A 402 30.34 6.94 12.02
CA GLU A 402 30.05 7.63 13.28
C GLU A 402 29.80 9.12 13.00
N ASN A 403 30.64 9.72 12.15
CA ASN A 403 30.54 11.14 11.83
C ASN A 403 29.33 11.46 10.94
N GLY A 404 28.52 10.45 10.59
CA GLY A 404 27.25 10.69 9.93
C GLY A 404 27.43 10.94 8.44
N THR A 405 28.55 10.45 7.89
CA THR A 405 28.79 10.50 6.45
C THR A 405 28.57 9.11 5.87
N PHE A 406 28.43 9.04 4.55
CA PHE A 406 28.22 7.78 3.86
C PHE A 406 29.54 7.14 3.45
N GLY A 407 29.72 5.86 3.80
CA GLY A 407 30.89 5.11 3.37
C GLY A 407 32.19 5.88 3.55
N ASN A 408 33.04 5.87 2.51
CA ASN A 408 34.25 6.67 2.48
C ASN A 408 34.07 7.91 1.61
N SER A 409 32.85 8.38 1.46
CA SER A 409 32.53 9.43 0.52
C SER A 409 32.90 10.81 1.07
N GLY A 410 32.65 11.03 2.36
CA GLY A 410 32.68 12.36 2.96
C GLY A 410 31.32 13.04 3.01
N ILE A 411 30.34 12.60 2.20
CA ILE A 411 29.08 13.32 1.99
C ILE A 411 28.12 13.00 3.14
N ARG A 412 27.46 14.03 3.68
CA ARG A 412 26.59 13.92 4.84
C ARG A 412 25.32 13.13 4.50
N ILE A 413 24.89 12.25 5.41
CA ILE A 413 23.59 11.60 5.32
C ILE A 413 22.62 12.48 6.09
N ARG A 414 21.59 13.00 5.43
CA ARG A 414 20.65 13.90 6.09
C ARG A 414 19.76 13.07 7.03
N ASP A 415 19.49 13.61 8.23
CA ASP A 415 18.57 12.96 9.16
C ASP A 415 17.19 12.75 8.54
N PHE A 416 16.63 11.58 8.82
CA PHE A 416 15.41 11.09 8.19
C PHE A 416 14.25 12.04 8.47
N GLU A 417 14.24 12.67 9.65
CA GLU A 417 13.19 13.59 10.05
C GLU A 417 13.23 14.88 9.23
N ASN A 418 14.41 15.29 8.75
CA ASN A 418 14.53 16.45 7.88
C ASN A 418 14.03 16.05 6.49
N MET A 419 12.94 16.69 6.02
CA MET A 419 12.25 16.31 4.80
C MET A 419 12.09 17.49 3.85
N LYS A 420 12.96 18.51 3.97
CA LYS A 420 12.91 19.65 3.08
C LYS A 420 13.51 19.22 1.74
N ARG A 421 12.70 18.58 0.90
CA ARG A 421 13.09 18.22 -0.45
C ARG A 421 13.16 19.44 -1.38
N ASP A 422 12.43 20.52 -1.06
CA ASP A 422 12.40 21.71 -1.89
C ASP A 422 13.55 22.67 -1.53
N ASP A 423 14.49 22.21 -0.69
CA ASP A 423 15.47 23.10 -0.09
C ASP A 423 16.32 23.73 -1.18
N ALA A 424 16.45 25.06 -1.14
CA ALA A 424 17.03 25.82 -2.24
C ALA A 424 18.43 26.34 -1.90
N ASN A 425 18.94 25.98 -0.71
CA ASN A 425 20.23 26.48 -0.23
C ASN A 425 21.34 25.61 -0.81
N PRO A 426 22.24 26.11 -1.68
CA PRO A 426 23.31 25.29 -2.24
C PRO A 426 24.26 24.68 -1.20
N ALA A 427 24.42 25.36 -0.06
CA ALA A 427 25.28 24.91 1.01
C ALA A 427 24.81 23.57 1.59
N ASN A 428 23.51 23.28 1.47
CA ASN A 428 22.95 22.05 2.03
C ASN A 428 23.18 20.84 1.13
N TYR A 429 23.75 21.04 -0.06
CA TYR A 429 23.90 19.97 -1.02
C TYR A 429 25.38 19.72 -1.29
N PRO A 430 25.82 18.53 -1.76
CA PRO A 430 24.99 17.33 -1.87
C PRO A 430 24.75 16.67 -0.52
N TYR A 431 23.69 15.87 -0.44
CA TYR A 431 23.47 15.05 0.73
C TYR A 431 22.90 13.71 0.27
N ILE A 432 22.89 12.75 1.20
CA ILE A 432 22.42 11.42 0.93
C ILE A 432 21.21 11.14 1.81
N VAL A 433 20.14 10.65 1.18
CA VAL A 433 18.90 10.32 1.87
C VAL A 433 19.18 9.12 2.76
N ASP A 434 18.74 9.18 4.01
CA ASP A 434 18.97 8.11 4.96
C ASP A 434 17.97 6.98 4.74
N THR A 435 18.49 5.81 4.37
CA THR A 435 17.72 4.64 3.99
C THR A 435 18.49 3.44 4.49
N TYR A 436 17.84 2.55 5.23
CA TYR A 436 18.49 1.33 5.64
C TYR A 436 18.81 0.50 4.39
N THR A 437 20.02 -0.08 4.37
CA THR A 437 20.40 -1.04 3.35
C THR A 437 19.29 -2.08 3.14
N HIS A 438 18.79 -2.18 1.92
CA HIS A 438 17.89 -3.24 1.52
C HIS A 438 18.38 -3.91 0.24
N TYR A 439 17.93 -5.14 -0.02
CA TYR A 439 18.25 -5.83 -1.25
C TYR A 439 17.41 -5.23 -2.36
N ILE A 440 17.97 -5.17 -3.58
CA ILE A 440 17.25 -4.70 -4.74
C ILE A 440 16.58 -5.92 -5.37
N LEU A 441 15.24 -5.93 -5.39
CA LEU A 441 14.49 -7.08 -5.86
C LEU A 441 13.32 -6.58 -6.70
N GLU A 442 13.59 -6.39 -8.00
CA GLU A 442 12.67 -5.81 -8.96
C GLU A 442 12.55 -6.76 -10.15
N ASN A 443 11.39 -6.73 -10.82
CA ASN A 443 11.22 -7.44 -12.08
C ASN A 443 11.44 -8.95 -11.94
N ASN A 444 11.13 -9.51 -10.78
CA ASN A 444 11.38 -10.91 -10.46
C ASN A 444 12.83 -11.32 -10.70
N LYS A 445 13.79 -10.47 -10.36
CA LYS A 445 15.19 -10.87 -10.51
C LYS A 445 15.96 -10.72 -9.22
N VAL A 446 17.06 -11.47 -9.11
CA VAL A 446 18.08 -11.26 -8.08
C VAL A 446 19.41 -11.04 -8.79
N GLU A 447 20.02 -9.87 -8.57
CA GLU A 447 21.30 -9.52 -9.14
C GLU A 447 22.44 -9.75 -8.15
N MET A 448 23.57 -10.24 -8.65
CA MET A 448 24.68 -10.57 -7.76
C MET A 448 26.02 -10.22 -8.37
N PHE A 449 27.04 -10.10 -7.49
CA PHE A 449 28.39 -9.79 -7.88
C PHE A 449 29.28 -10.90 -7.38
N ILE A 450 30.18 -11.41 -8.21
CA ILE A 450 31.02 -12.52 -7.81
C ILE A 450 32.42 -12.00 -7.48
N ASN A 451 32.83 -12.17 -6.22
CA ASN A 451 34.15 -11.78 -5.76
C ASN A 451 35.12 -12.91 -5.99
N ASP A 452 36.35 -12.61 -6.43
CA ASP A 452 37.38 -13.63 -6.56
C ASP A 452 37.85 -14.14 -5.20
N LYS A 453 37.97 -13.28 -4.18
CA LYS A 453 38.49 -13.66 -2.87
C LYS A 453 37.40 -13.68 -1.80
N GLU A 454 37.61 -14.49 -0.76
CA GLU A 454 36.65 -14.66 0.32
C GLU A 454 36.80 -13.49 1.29
N ASP A 455 35.73 -13.21 2.06
CA ASP A 455 35.73 -12.17 3.08
C ASP A 455 36.05 -10.81 2.45
N SER A 456 35.62 -10.59 1.22
CA SER A 456 35.71 -9.28 0.58
C SER A 456 34.82 -8.32 1.37
N ALA A 457 35.22 -7.04 1.37
CA ALA A 457 34.50 -5.96 2.02
C ALA A 457 33.32 -5.57 1.15
N PRO A 458 32.27 -4.89 1.70
CA PRO A 458 31.17 -4.42 0.86
C PRO A 458 31.65 -3.54 -0.29
N LEU A 459 30.96 -3.62 -1.42
CA LEU A 459 31.30 -2.83 -2.60
C LEU A 459 30.31 -1.67 -2.66
N LEU A 460 30.77 -0.51 -2.15
CA LEU A 460 29.99 0.71 -2.14
C LEU A 460 30.37 1.53 -3.36
N PRO A 461 29.44 2.31 -3.96
CA PRO A 461 29.78 3.09 -5.13
C PRO A 461 30.64 4.29 -4.80
N VAL A 462 31.61 4.61 -5.67
CA VAL A 462 32.38 5.84 -5.54
C VAL A 462 31.53 7.00 -6.06
N ILE A 463 31.68 8.17 -5.44
CA ILE A 463 31.02 9.39 -5.87
C ILE A 463 32.10 10.30 -6.44
N GLU A 464 31.82 10.88 -7.61
CA GLU A 464 32.75 11.75 -8.31
C GLU A 464 32.10 13.11 -8.54
N ASP A 465 32.89 14.17 -8.30
CA ASP A 465 32.45 15.55 -8.50
C ASP A 465 31.18 15.80 -7.70
N ASP A 466 31.07 15.18 -6.51
CA ASP A 466 29.90 15.27 -5.67
C ASP A 466 28.60 15.08 -6.47
N ARG A 467 28.64 14.34 -7.59
CA ARG A 467 27.55 14.40 -8.54
C ARG A 467 27.26 13.03 -9.15
N TYR A 468 28.30 12.32 -9.59
CA TYR A 468 28.16 11.04 -10.27
C TYR A 468 28.36 9.91 -9.27
N VAL A 469 27.43 8.96 -9.28
CA VAL A 469 27.56 7.74 -8.51
C VAL A 469 28.05 6.66 -9.45
N VAL A 470 29.31 6.25 -9.32
CA VAL A 470 29.88 5.30 -10.25
C VAL A 470 29.51 3.88 -9.81
N LYS A 471 28.53 3.29 -10.49
CA LYS A 471 27.97 1.98 -10.14
C LYS A 471 28.67 0.85 -10.89
N THR A 472 28.29 -0.39 -10.57
CA THR A 472 28.92 -1.60 -11.02
C THR A 472 27.83 -2.51 -11.62
N ILE A 473 28.00 -2.88 -12.88
CA ILE A 473 27.11 -3.84 -13.51
C ILE A 473 27.24 -5.12 -12.69
N PRO A 474 26.12 -5.75 -12.30
CA PRO A 474 26.19 -7.07 -11.69
C PRO A 474 26.91 -8.12 -12.53
N SER A 475 27.55 -9.06 -11.85
CA SER A 475 28.10 -10.23 -12.52
C SER A 475 27.00 -10.99 -13.26
N CYS A 476 25.85 -11.19 -12.61
CA CYS A 476 24.85 -12.07 -13.15
C CYS A 476 23.54 -11.90 -12.43
N ARG A 477 22.48 -12.37 -13.09
CA ARG A 477 21.11 -12.13 -12.68
C ARG A 477 20.33 -13.43 -12.79
N MET A 478 19.57 -13.74 -11.74
CA MET A 478 18.86 -15.00 -11.59
C MET A 478 17.37 -14.66 -11.46
N SER A 479 16.53 -15.45 -12.10
CA SER A 479 15.10 -15.40 -11.97
C SER A 479 14.72 -15.71 -10.53
N THR A 480 13.79 -14.93 -9.93
CA THR A 480 13.29 -15.33 -8.62
C THR A 480 12.61 -16.70 -8.68
N LEU A 481 12.12 -17.12 -9.84
CA LEU A 481 11.56 -18.46 -9.97
C LEU A 481 12.62 -19.55 -9.88
N GLU A 482 13.91 -19.21 -10.04
CA GLU A 482 14.97 -20.19 -9.84
C GLU A 482 15.32 -20.35 -8.36
N ILE A 483 14.83 -19.46 -7.48
CA ILE A 483 15.35 -19.46 -6.11
C ILE A 483 14.86 -20.71 -5.34
N PRO A 484 13.63 -21.25 -5.52
CA PRO A 484 13.28 -22.50 -4.88
C PRO A 484 14.25 -23.63 -5.15
N ALA A 485 14.68 -23.83 -6.41
CA ALA A 485 15.61 -24.92 -6.70
C ALA A 485 16.99 -24.69 -6.09
N MET A 486 17.44 -23.42 -6.02
CA MET A 486 18.70 -23.08 -5.38
C MET A 486 18.64 -23.40 -3.90
N ALA A 487 17.57 -22.95 -3.23
CA ALA A 487 17.32 -23.31 -1.83
C ALA A 487 17.30 -24.83 -1.65
N PHE A 488 16.59 -25.56 -2.51
CA PHE A 488 16.51 -27.00 -2.36
C PHE A 488 17.90 -27.61 -2.51
N HIS A 489 18.71 -27.09 -3.47
CA HIS A 489 20.05 -27.60 -3.72
C HIS A 489 20.90 -27.31 -2.49
N MET A 490 20.76 -26.11 -1.95
CA MET A 490 21.48 -25.70 -0.76
C MET A 490 21.18 -26.66 0.38
N PHE A 491 19.88 -26.96 0.60
CA PHE A 491 19.46 -27.86 1.65
C PHE A 491 20.02 -29.27 1.48
N LEU A 492 20.15 -29.77 0.25
CA LEU A 492 20.62 -31.14 0.05
C LEU A 492 22.15 -31.22 0.08
N PHE A 493 22.84 -30.23 -0.50
CA PHE A 493 24.28 -30.33 -0.73
C PHE A 493 25.13 -29.42 0.15
N GLY A 494 24.60 -28.30 0.64
CA GLY A 494 25.42 -27.29 1.26
C GLY A 494 25.55 -26.04 0.38
N SER A 495 25.52 -24.88 1.03
CA SER A 495 25.66 -23.60 0.37
C SER A 495 26.97 -23.45 -0.39
N LYS A 496 28.07 -24.07 0.05
CA LYS A 496 29.32 -23.89 -0.67
C LYS A 496 29.29 -24.61 -2.01
N LYS A 497 28.70 -25.81 -2.05
CA LYS A 497 28.51 -26.53 -3.28
C LYS A 497 27.51 -25.78 -4.14
N THR A 498 26.49 -25.19 -3.52
CA THR A 498 25.53 -24.43 -4.31
C THR A 498 26.28 -23.31 -5.01
N GLU A 499 27.11 -22.58 -4.27
CA GLU A 499 27.76 -21.39 -4.79
C GLU A 499 28.73 -21.74 -5.91
N LYS A 500 29.49 -22.82 -5.74
CA LYS A 500 30.41 -23.23 -6.77
C LYS A 500 29.66 -23.45 -8.09
N LEU A 501 28.43 -23.96 -8.05
CA LEU A 501 27.69 -24.24 -9.26
C LEU A 501 27.25 -22.94 -9.93
N ILE A 502 26.73 -21.98 -9.16
CA ILE A 502 26.38 -20.71 -9.78
C ILE A 502 27.64 -20.12 -10.41
N VAL A 503 28.77 -20.13 -9.71
CA VAL A 503 29.95 -19.50 -10.25
C VAL A 503 30.40 -20.23 -11.52
N ASP A 504 30.33 -21.56 -11.54
CA ASP A 504 30.74 -22.30 -12.73
C ASP A 504 29.86 -21.95 -13.93
N VAL A 505 28.55 -21.84 -13.74
CA VAL A 505 27.65 -21.52 -14.85
C VAL A 505 28.02 -20.14 -15.38
N HIS A 506 28.13 -19.14 -14.51
CA HIS A 506 28.60 -17.81 -14.86
C HIS A 506 29.90 -17.86 -15.68
N ASN A 507 30.91 -18.60 -15.26
CA ASN A 507 32.16 -18.62 -16.00
C ASN A 507 32.04 -19.29 -17.38
N ARG A 508 31.07 -20.20 -17.56
CA ARG A 508 30.85 -20.77 -18.87
C ARG A 508 30.31 -19.72 -19.84
N TYR A 509 29.33 -18.91 -19.39
CA TYR A 509 28.80 -17.90 -20.27
C TYR A 509 29.89 -16.91 -20.65
N LYS A 510 30.79 -16.59 -19.73
CA LYS A 510 31.84 -15.62 -19.98
C LYS A 510 32.80 -16.17 -21.02
N ARG A 511 33.21 -17.43 -20.89
CA ARG A 511 34.06 -18.05 -21.89
C ARG A 511 33.39 -18.00 -23.26
N LEU A 512 32.07 -18.21 -23.33
CA LEU A 512 31.38 -18.21 -24.61
C LEU A 512 31.44 -16.82 -25.23
N PHE A 513 31.05 -15.81 -24.47
CA PHE A 513 31.04 -14.45 -24.96
C PHE A 513 32.43 -13.93 -25.33
N GLN A 514 33.51 -14.43 -24.70
CA GLN A 514 34.85 -14.06 -25.11
C GLN A 514 35.15 -14.66 -26.49
N ALA A 515 34.71 -15.89 -26.73
CA ALA A 515 34.98 -16.55 -27.99
C ALA A 515 34.22 -15.85 -29.11
N MET A 516 33.01 -15.37 -28.82
CA MET A 516 32.22 -14.64 -29.82
C MET A 516 33.01 -13.42 -30.29
N GLN A 517 33.62 -12.70 -29.36
CA GLN A 517 34.37 -11.50 -29.66
C GLN A 517 35.62 -11.79 -30.50
N LYS A 518 36.12 -13.04 -30.48
CA LYS A 518 37.24 -13.43 -31.33
C LYS A 518 36.74 -14.10 -32.62
N GLU A 519 35.42 -14.21 -32.77
CA GLU A 519 34.77 -14.87 -33.90
C GLU A 519 35.27 -16.30 -33.99
N GLU A 520 35.13 -17.04 -32.87
CA GLU A 520 35.59 -18.42 -32.75
C GLU A 520 34.45 -19.34 -32.28
N VAL A 521 33.21 -19.04 -32.67
CA VAL A 521 32.06 -19.85 -32.28
C VAL A 521 31.37 -20.32 -33.56
N THR A 522 31.19 -21.62 -33.69
CA THR A 522 30.70 -22.24 -34.91
C THR A 522 29.64 -23.25 -34.52
N ALA A 523 28.85 -23.71 -35.50
CA ALA A 523 27.97 -24.86 -35.29
C ALA A 523 28.78 -26.09 -34.87
N GLU A 524 30.04 -26.16 -35.31
CA GLU A 524 30.89 -27.32 -35.08
C GLU A 524 31.44 -27.34 -33.66
N ASN A 525 31.60 -26.18 -33.01
CA ASN A 525 32.21 -26.14 -31.69
C ASN A 525 31.29 -25.58 -30.60
N ILE A 526 30.03 -25.24 -30.91
CA ILE A 526 29.14 -24.62 -29.93
C ILE A 526 28.95 -25.54 -28.71
N ALA A 527 28.84 -26.85 -28.91
CA ALA A 527 28.68 -27.79 -27.80
C ALA A 527 29.87 -27.76 -26.83
N SER A 528 31.09 -27.44 -27.29
CA SER A 528 32.25 -27.46 -26.40
C SER A 528 32.14 -26.43 -25.27
N PHE A 529 31.27 -25.42 -25.40
CA PHE A 529 31.17 -24.38 -24.40
C PHE A 529 30.38 -24.84 -23.17
N GLY A 530 29.67 -25.98 -23.25
CA GLY A 530 29.06 -26.57 -22.07
C GLY A 530 27.69 -25.98 -21.69
N ILE A 531 26.99 -25.36 -22.65
CA ILE A 531 25.70 -24.72 -22.43
C ILE A 531 24.70 -25.33 -23.42
N ALA A 532 23.57 -25.83 -22.90
CA ALA A 532 22.53 -26.43 -23.72
C ALA A 532 21.90 -25.39 -24.65
N GLU A 533 21.45 -25.85 -25.83
CA GLU A 533 20.81 -25.02 -26.84
C GLU A 533 19.70 -24.16 -26.23
N SER A 534 18.89 -24.75 -25.34
CA SER A 534 17.73 -24.07 -24.81
C SER A 534 18.12 -22.98 -23.82
N ASP A 535 19.43 -22.86 -23.51
CA ASP A 535 19.94 -21.80 -22.65
C ASP A 535 20.89 -20.85 -23.37
N LEU A 536 20.90 -20.88 -24.72
CA LEU A 536 21.65 -19.93 -25.51
C LEU A 536 20.66 -18.92 -26.07
N PRO A 537 21.00 -17.62 -26.14
CA PRO A 537 20.17 -16.67 -26.87
C PRO A 537 19.92 -17.11 -28.31
N GLN A 538 18.69 -16.86 -28.80
CA GLN A 538 18.30 -17.23 -30.15
C GLN A 538 19.24 -16.59 -31.18
N LYS A 539 19.73 -15.37 -30.92
CA LYS A 539 20.60 -14.67 -31.85
C LYS A 539 21.91 -15.42 -32.07
N ILE A 540 22.46 -16.08 -31.04
CA ILE A 540 23.66 -16.89 -31.20
C ILE A 540 23.31 -18.11 -32.07
N LEU A 541 22.11 -18.65 -31.84
CA LEU A 541 21.66 -19.84 -32.54
C LEU A 541 21.41 -19.53 -34.01
N ASP A 542 20.81 -18.36 -34.27
CA ASP A 542 20.65 -17.81 -35.62
C ASP A 542 22.00 -17.60 -36.28
N LEU A 543 22.95 -16.99 -35.56
CA LEU A 543 24.25 -16.64 -36.11
C LEU A 543 25.05 -17.86 -36.52
N ILE A 544 25.02 -18.97 -35.76
CA ILE A 544 25.83 -20.13 -36.15
C ILE A 544 25.10 -20.97 -37.19
N SER A 545 23.76 -20.86 -37.28
CA SER A 545 22.99 -21.60 -38.28
C SER A 545 22.95 -20.86 -39.62
N GLY A 546 23.51 -19.64 -39.69
CA GLY A 546 23.48 -18.83 -40.89
C GLY A 546 22.09 -18.24 -41.16
N ASN A 547 21.31 -17.98 -40.09
CA ASN A 547 19.98 -17.41 -40.24
C ASN A 547 19.83 -16.11 -39.45
N ALA A 548 20.90 -15.30 -39.37
CA ALA A 548 20.85 -14.09 -38.57
C ALA A 548 20.10 -13.01 -39.35
N HIS A 549 19.13 -12.35 -38.69
CA HIS A 549 18.26 -11.37 -39.32
C HIS A 549 17.83 -10.33 -38.28
N GLY A 550 17.56 -9.10 -38.73
CA GLY A 550 16.87 -8.13 -37.90
C GLY A 550 15.37 -8.34 -37.98
N LYS A 551 14.62 -7.71 -37.07
CA LYS A 551 13.18 -7.62 -37.21
C LYS A 551 12.84 -6.73 -38.40
N ASP A 552 11.67 -6.94 -39.01
CA ASP A 552 11.20 -6.17 -40.14
C ASP A 552 10.46 -4.93 -39.64
N VAL A 553 11.09 -3.75 -39.79
CA VAL A 553 10.58 -2.54 -39.18
C VAL A 553 9.27 -2.16 -39.86
N ASP A 554 9.15 -2.30 -41.19
CA ASP A 554 7.93 -1.90 -41.87
C ASP A 554 6.75 -2.76 -41.40
N ALA A 555 6.93 -4.07 -41.32
CA ALA A 555 5.87 -4.91 -40.77
C ALA A 555 5.47 -4.36 -39.41
N PHE A 556 6.45 -4.00 -38.58
CA PHE A 556 6.20 -3.62 -37.20
C PHE A 556 5.43 -2.31 -37.13
N ILE A 557 5.74 -1.40 -38.06
CA ILE A 557 5.05 -0.13 -38.16
C ILE A 557 3.59 -0.39 -38.52
N ARG A 558 3.35 -1.14 -39.60
CA ARG A 558 2.02 -1.47 -40.06
C ARG A 558 1.19 -2.09 -38.94
N LEU A 559 1.80 -2.98 -38.16
CA LEU A 559 1.10 -3.67 -37.11
C LEU A 559 0.84 -2.71 -35.95
N THR A 560 1.85 -1.92 -35.58
CA THR A 560 1.72 -1.01 -34.45
C THR A 560 0.63 0.01 -34.75
N VAL A 561 0.58 0.54 -35.97
CA VAL A 561 -0.39 1.55 -36.31
C VAL A 561 -1.79 0.94 -36.16
N ASP A 562 -2.02 -0.25 -36.72
CA ASP A 562 -3.32 -0.90 -36.61
C ASP A 562 -3.68 -1.15 -35.15
N ASP A 563 -2.79 -1.79 -34.37
CA ASP A 563 -3.08 -2.04 -32.96
C ASP A 563 -3.49 -0.75 -32.25
N MET A 564 -2.83 0.37 -32.55
CA MET A 564 -3.03 1.59 -31.78
C MET A 564 -4.33 2.26 -32.16
N LEU A 565 -4.71 2.14 -33.44
CA LEU A 565 -5.98 2.67 -33.92
C LEU A 565 -7.11 1.92 -33.21
N THR A 566 -6.95 0.60 -33.08
CA THR A 566 -7.97 -0.21 -32.45
C THR A 566 -8.11 0.20 -30.99
N ASP A 567 -6.98 0.31 -30.28
CA ASP A 567 -6.97 0.75 -28.89
C ASP A 567 -7.61 2.13 -28.72
N THR A 568 -7.35 3.04 -29.67
CA THR A 568 -7.88 4.39 -29.59
C THR A 568 -9.40 4.36 -29.62
N GLU A 569 -9.96 3.47 -30.46
CA GLU A 569 -11.40 3.34 -30.60
C GLU A 569 -11.95 2.65 -29.35
N ARG A 570 -11.22 1.70 -28.80
CA ARG A 570 -11.63 1.06 -27.56
C ARG A 570 -11.76 2.12 -26.47
N ARG A 571 -10.77 3.02 -26.35
CA ARG A 571 -10.78 4.06 -25.35
C ARG A 571 -11.88 5.09 -25.64
N ILE A 572 -12.13 5.42 -26.91
CA ILE A 572 -13.20 6.36 -27.20
C ILE A 572 -14.52 5.78 -26.69
N LYS A 573 -14.75 4.48 -26.93
CA LYS A 573 -16.03 3.86 -26.63
C LYS A 573 -16.18 3.75 -25.11
N ARG A 574 -15.16 3.20 -24.45
CA ARG A 574 -15.18 3.06 -23.00
C ARG A 574 -15.49 4.39 -22.31
N PHE A 575 -15.03 5.50 -22.86
CA PHE A 575 -15.21 6.78 -22.22
C PHE A 575 -16.63 7.28 -22.39
N LYS A 576 -17.20 7.15 -23.59
CA LYS A 576 -18.57 7.53 -23.85
C LYS A 576 -19.51 6.69 -22.99
N ASP A 577 -19.21 5.39 -22.88
CA ASP A 577 -19.99 4.47 -22.09
C ASP A 577 -19.95 4.92 -20.64
N ASP A 578 -18.75 5.07 -20.07
CA ASP A 578 -18.59 5.48 -18.68
C ASP A 578 -19.32 6.79 -18.38
N ARG A 579 -19.30 7.77 -19.29
CA ARG A 579 -19.95 9.04 -19.00
C ARG A 579 -21.46 8.83 -18.84
N LYS A 580 -22.03 7.98 -19.71
CA LYS A 580 -23.46 7.70 -19.72
C LYS A 580 -23.82 6.95 -18.44
N SER A 581 -22.98 5.98 -18.10
CA SER A 581 -23.15 5.21 -16.89
C SER A 581 -23.12 6.13 -15.66
N ILE A 582 -22.20 7.10 -15.64
CA ILE A 582 -22.00 7.99 -14.50
C ILE A 582 -23.17 8.95 -14.39
N ARG A 583 -23.90 9.22 -15.48
CA ARG A 583 -25.08 10.05 -15.43
C ARG A 583 -26.32 9.21 -15.07
N SER A 584 -26.17 7.89 -14.90
CA SER A 584 -27.33 7.03 -14.64
C SER A 584 -27.61 6.99 -13.15
N ALA A 585 -28.85 6.59 -12.81
CA ALA A 585 -29.28 6.34 -11.44
C ALA A 585 -28.76 4.99 -10.94
N ASP A 586 -28.44 4.05 -11.85
CA ASP A 586 -28.07 2.70 -11.47
C ASP A 586 -26.60 2.58 -11.07
N ASN A 587 -25.84 3.69 -11.09
CA ASN A 587 -24.40 3.61 -10.87
C ASN A 587 -24.14 3.76 -9.37
N LYS A 588 -23.88 2.62 -8.68
CA LYS A 588 -23.95 2.59 -7.22
C LYS A 588 -22.60 2.18 -6.64
N MET A 589 -22.03 3.07 -5.84
CA MET A 589 -20.70 2.83 -5.30
C MET A 589 -20.76 1.65 -4.33
N GLY A 590 -19.84 0.70 -4.48
CA GLY A 590 -19.76 -0.45 -3.59
C GLY A 590 -20.26 -1.72 -4.28
N LYS A 591 -21.21 -1.55 -5.22
CA LYS A 591 -21.64 -2.61 -6.11
C LYS A 591 -20.65 -2.78 -7.25
N ARG A 592 -20.85 -3.83 -8.08
CA ARG A 592 -19.79 -4.41 -8.90
C ARG A 592 -19.59 -3.65 -10.21
N GLY A 593 -20.66 -3.17 -10.85
CA GLY A 593 -20.51 -2.48 -12.12
C GLY A 593 -20.40 -0.97 -11.98
N PHE A 594 -19.60 -0.50 -11.02
CA PHE A 594 -19.59 0.91 -10.65
C PHE A 594 -18.52 1.61 -11.49
N LYS A 595 -18.92 2.69 -12.16
CA LYS A 595 -18.04 3.39 -13.07
C LYS A 595 -17.66 4.75 -12.49
N GLN A 596 -16.38 5.09 -12.62
CA GLN A 596 -15.81 6.33 -12.11
C GLN A 596 -14.79 6.85 -13.11
N ILE A 597 -14.79 8.16 -13.39
CA ILE A 597 -13.76 8.78 -14.22
C ILE A 597 -12.80 9.54 -13.30
N SER A 598 -11.54 9.07 -13.23
CA SER A 598 -10.46 9.71 -12.53
C SER A 598 -9.61 10.55 -13.49
N THR A 599 -9.58 11.87 -13.34
CA THR A 599 -8.69 12.69 -14.15
C THR A 599 -7.23 12.33 -13.92
N GLY A 600 -6.89 11.83 -12.74
CA GLY A 600 -5.55 11.32 -12.52
C GLY A 600 -5.23 10.22 -13.50
N LYS A 601 -6.16 9.29 -13.69
CA LYS A 601 -6.00 8.17 -14.62
C LYS A 601 -5.94 8.71 -16.06
N LEU A 602 -6.78 9.69 -16.40
CA LEU A 602 -6.74 10.31 -17.71
C LEU A 602 -5.37 10.95 -17.93
N ALA A 603 -4.88 11.72 -16.95
CA ALA A 603 -3.64 12.48 -17.09
C ALA A 603 -2.43 11.54 -17.18
N ASP A 604 -2.50 10.37 -16.58
CA ASP A 604 -1.45 9.39 -16.75
C ASP A 604 -1.40 8.98 -18.23
N PHE A 605 -2.55 8.57 -18.80
CA PHE A 605 -2.59 8.17 -20.20
C PHE A 605 -2.02 9.29 -21.09
N LEU A 606 -2.50 10.51 -20.89
CA LEU A 606 -2.17 11.60 -21.79
C LEU A 606 -0.68 11.96 -21.73
N ALA A 607 -0.09 12.03 -20.53
CA ALA A 607 1.30 12.41 -20.41
C ALA A 607 2.20 11.35 -21.05
N LYS A 608 1.93 10.05 -20.83
CA LYS A 608 2.73 9.01 -21.45
C LYS A 608 2.65 9.12 -22.98
N ASP A 609 1.45 9.35 -23.51
CA ASP A 609 1.25 9.33 -24.93
C ASP A 609 1.87 10.58 -25.58
N ILE A 610 1.75 11.74 -24.92
CA ILE A 610 2.28 12.97 -25.46
C ILE A 610 3.79 12.82 -25.63
N VAL A 611 4.45 12.18 -24.66
CA VAL A 611 5.89 12.00 -24.73
C VAL A 611 6.23 10.88 -25.73
N LEU A 612 5.45 9.81 -25.77
CA LEU A 612 5.60 8.79 -26.80
C LEU A 612 5.64 9.39 -28.19
N PHE A 613 4.78 10.35 -28.48
CA PHE A 613 4.69 10.90 -29.81
C PHE A 613 5.63 12.07 -30.00
N GLN A 614 6.39 12.45 -28.96
CA GLN A 614 7.35 13.54 -29.13
C GLN A 614 8.58 12.98 -29.85
N PRO A 615 8.95 13.46 -31.05
CA PRO A 615 10.18 13.02 -31.71
C PRO A 615 11.42 13.24 -30.85
N SER A 616 12.37 12.29 -30.94
CA SER A 616 13.66 12.39 -30.27
C SER A 616 14.68 12.98 -31.25
N VAL A 617 15.59 13.81 -30.72
CA VAL A 617 16.78 14.27 -31.41
C VAL A 617 17.91 14.26 -30.38
N ASN A 618 19.17 14.29 -30.84
CA ASN A 618 20.33 14.47 -29.99
C ASN A 618 20.33 13.48 -28.82
N ASP A 619 20.33 12.18 -29.12
CA ASP A 619 20.33 11.14 -28.10
C ASP A 619 19.18 11.31 -27.09
N GLY A 620 18.08 11.94 -27.51
CA GLY A 620 16.89 12.06 -26.70
C GLY A 620 16.96 13.21 -25.71
N GLU A 621 17.90 14.13 -25.89
CA GLU A 621 18.12 15.19 -24.91
C GLU A 621 17.06 16.30 -25.04
N ASN A 622 16.18 16.23 -26.03
CA ASN A 622 15.20 17.29 -26.26
C ASN A 622 13.86 16.96 -25.63
N LYS A 623 13.63 15.71 -25.24
CA LYS A 623 12.32 15.29 -24.77
C LYS A 623 12.11 15.73 -23.32
N ILE A 624 10.87 15.65 -22.85
CA ILE A 624 10.44 16.21 -21.59
C ILE A 624 11.17 15.45 -20.49
N THR A 625 11.78 16.20 -19.55
CA THR A 625 12.57 15.63 -18.46
C THR A 625 11.66 15.37 -17.25
N GLY A 626 12.22 14.75 -16.20
CA GLY A 626 11.46 14.23 -15.08
C GLY A 626 10.59 15.26 -14.38
N LEU A 627 11.17 16.35 -13.89
CA LEU A 627 10.36 17.35 -13.20
C LEU A 627 9.25 17.86 -14.13
N ASN A 628 9.60 18.34 -15.34
CA ASN A 628 8.60 18.88 -16.25
C ASN A 628 7.55 17.83 -16.61
N TYR A 629 7.93 16.57 -16.68
CA TYR A 629 6.95 15.53 -16.90
C TYR A 629 5.95 15.50 -15.75
N ARG A 630 6.43 15.48 -14.50
CA ARG A 630 5.56 15.48 -13.34
C ARG A 630 4.63 16.70 -13.39
N ILE A 631 5.17 17.85 -13.75
CA ILE A 631 4.33 19.05 -13.80
C ILE A 631 3.28 18.89 -14.89
N MET A 632 3.67 18.50 -16.10
CA MET A 632 2.70 18.38 -17.17
C MET A 632 1.57 17.44 -16.73
N GLN A 633 1.92 16.26 -16.22
CA GLN A 633 0.91 15.29 -15.85
C GLN A 633 -0.03 15.86 -14.79
N SER A 634 0.52 16.53 -13.77
CA SER A 634 -0.30 17.09 -12.70
C SER A 634 -1.16 18.23 -13.23
N ALA A 635 -0.54 19.17 -13.96
CA ALA A 635 -1.26 20.23 -14.64
C ALA A 635 -2.49 19.68 -15.34
N ILE A 636 -2.36 18.58 -16.09
CA ILE A 636 -3.50 18.03 -16.82
C ILE A 636 -4.55 17.54 -15.81
N ALA A 637 -4.14 16.71 -14.86
CA ALA A 637 -5.03 16.11 -13.88
C ALA A 637 -5.93 17.15 -13.21
N VAL A 638 -5.42 18.34 -12.89
CA VAL A 638 -6.20 19.36 -12.19
C VAL A 638 -6.78 20.42 -13.15
N TYR A 639 -6.57 20.31 -14.46
CA TYR A 639 -6.97 21.40 -15.35
C TYR A 639 -8.49 21.49 -15.33
N ASP A 640 -9.02 22.67 -15.08
CA ASP A 640 -10.45 22.92 -15.16
C ASP A 640 -10.70 24.42 -15.24
N SER A 641 -10.59 25.00 -16.42
CA SER A 641 -10.94 26.39 -16.61
C SER A 641 -12.43 26.47 -16.33
N GLY A 642 -12.96 27.62 -15.92
CA GLY A 642 -14.41 27.72 -15.83
C GLY A 642 -14.95 28.39 -17.08
N ASP A 643 -14.47 27.92 -18.24
CA ASP A 643 -14.37 28.76 -19.43
C ASP A 643 -13.87 30.16 -19.03
N ASP A 644 -12.74 30.20 -18.31
CA ASP A 644 -11.98 31.41 -18.08
C ASP A 644 -10.88 31.47 -19.14
N TYR A 645 -10.88 32.55 -19.93
CA TYR A 645 -10.02 32.65 -21.10
C TYR A 645 -8.55 32.52 -20.69
N GLU A 646 -8.12 33.28 -19.68
CA GLU A 646 -6.73 33.24 -19.25
C GLU A 646 -6.33 31.81 -18.88
N ALA A 647 -7.20 31.08 -18.19
CA ALA A 647 -6.83 29.78 -17.72
C ALA A 647 -6.62 28.85 -18.92
N LYS A 648 -7.42 29.05 -19.97
CA LYS A 648 -7.28 28.26 -21.19
C LYS A 648 -5.95 28.59 -21.86
N GLN A 649 -5.65 29.88 -22.00
CA GLN A 649 -4.39 30.31 -22.57
C GLN A 649 -3.24 29.68 -21.79
N GLN A 650 -3.28 29.74 -20.47
CA GLN A 650 -2.22 29.23 -19.62
C GLN A 650 -2.00 27.75 -19.92
N PHE A 651 -3.08 26.98 -20.02
CA PHE A 651 -2.96 25.55 -20.28
C PHE A 651 -2.33 25.27 -21.63
N LYS A 652 -2.77 25.97 -22.68
CA LYS A 652 -2.16 25.81 -23.99
C LYS A 652 -0.68 26.17 -23.95
N LEU A 653 -0.32 27.23 -23.24
CA LEU A 653 1.04 27.75 -23.23
C LEU A 653 2.02 26.69 -22.73
N MET A 654 1.59 25.87 -21.77
CA MET A 654 2.45 24.84 -21.25
C MET A 654 3.01 24.00 -22.38
N PHE A 655 2.18 23.61 -23.36
CA PHE A 655 2.63 22.71 -24.40
C PHE A 655 3.49 23.48 -25.41
N GLU A 656 3.25 24.79 -25.57
CA GLU A 656 4.14 25.64 -26.36
C GLU A 656 5.53 25.63 -25.72
N LYS A 657 5.64 25.79 -24.40
CA LYS A 657 6.94 25.88 -23.74
C LYS A 657 7.66 24.55 -23.77
N ALA A 658 6.93 23.43 -23.73
CA ALA A 658 7.52 22.13 -23.90
C ALA A 658 7.89 21.87 -25.36
N ARG A 659 7.62 22.84 -26.25
CA ARG A 659 8.00 22.76 -27.66
C ARG A 659 7.33 21.56 -28.32
N LEU A 660 6.03 21.35 -28.05
CA LEU A 660 5.26 20.25 -28.63
C LEU A 660 4.31 20.79 -29.69
N ILE A 661 3.88 22.04 -29.50
CA ILE A 661 3.04 22.76 -30.44
C ILE A 661 3.72 24.10 -30.61
N GLY A 662 3.38 24.81 -31.67
CA GLY A 662 3.86 26.17 -31.84
C GLY A 662 4.67 26.29 -33.12
N LYS A 663 4.70 27.52 -33.65
CA LYS A 663 5.52 27.87 -34.80
C LYS A 663 6.97 27.92 -34.36
N GLY A 664 7.87 27.49 -35.25
CA GLY A 664 9.31 27.48 -34.98
C GLY A 664 9.76 26.28 -34.17
N THR A 665 8.83 25.41 -33.75
CA THR A 665 9.18 24.14 -33.15
C THR A 665 9.74 23.26 -34.28
N THR A 666 10.75 22.46 -33.94
CA THR A 666 11.44 21.61 -34.91
C THR A 666 11.05 20.14 -34.72
N GLU A 667 10.72 19.72 -33.48
CA GLU A 667 10.29 18.35 -33.22
C GLU A 667 8.86 18.35 -32.67
N PRO A 668 7.83 18.87 -33.36
CA PRO A 668 6.50 18.96 -32.75
C PRO A 668 5.85 17.59 -32.60
N HIS A 669 4.94 17.47 -31.64
CA HIS A 669 4.06 16.32 -31.55
C HIS A 669 3.26 16.28 -32.86
N PRO A 670 3.05 15.12 -33.52
CA PRO A 670 2.40 15.09 -34.83
C PRO A 670 0.96 15.60 -34.89
N PHE A 671 0.14 15.40 -33.83
CA PHE A 671 -1.27 15.77 -33.92
C PHE A 671 -1.79 16.62 -32.75
N LEU A 672 -0.99 16.90 -31.71
CA LEU A 672 -1.47 17.61 -30.53
C LEU A 672 -2.00 19.00 -30.89
N TYR A 673 -1.38 19.67 -31.86
CA TYR A 673 -1.78 21.02 -32.23
C TYR A 673 -3.20 21.07 -32.78
N LYS A 674 -3.71 19.95 -33.31
CA LYS A 674 -5.07 19.92 -33.80
C LYS A 674 -6.03 20.00 -32.62
N VAL A 675 -5.66 19.39 -31.49
CA VAL A 675 -6.45 19.47 -30.27
C VAL A 675 -6.72 20.93 -29.92
N PHE A 676 -5.82 21.87 -30.22
CA PHE A 676 -6.00 23.27 -29.81
C PHE A 676 -6.48 24.13 -30.98
N ALA A 677 -6.62 23.59 -32.19
CA ALA A 677 -7.17 24.32 -33.32
C ALA A 677 -8.64 24.66 -33.06
N ARG A 678 -9.11 25.82 -33.54
CA ARG A 678 -10.49 26.27 -33.37
C ARG A 678 -10.73 26.77 -31.95
N SER A 679 -10.51 25.93 -30.91
CA SER A 679 -10.77 26.31 -29.54
C SER A 679 -9.93 25.48 -28.57
N ILE A 680 -9.63 26.06 -27.40
CA ILE A 680 -8.90 25.35 -26.35
C ILE A 680 -9.91 24.54 -25.55
N PRO A 681 -9.71 23.23 -25.29
CA PRO A 681 -10.60 22.49 -24.40
C PRO A 681 -10.68 23.07 -23.00
N ALA A 682 -11.86 22.97 -22.37
CA ALA A 682 -12.15 23.73 -21.16
C ALA A 682 -11.61 23.03 -19.91
N ASN A 683 -11.47 21.70 -19.95
CA ASN A 683 -11.03 20.94 -18.80
C ASN A 683 -10.33 19.64 -19.23
N ALA A 684 -9.81 18.89 -18.24
CA ALA A 684 -9.09 17.68 -18.54
C ALA A 684 -9.96 16.70 -19.32
N VAL A 685 -11.26 16.63 -19.01
CA VAL A 685 -12.14 15.64 -19.61
C VAL A 685 -12.37 16.02 -21.08
N GLU A 686 -12.67 17.29 -21.36
CA GLU A 686 -12.72 17.72 -22.75
C GLU A 686 -11.39 17.41 -23.45
N PHE A 687 -10.25 17.63 -22.78
CA PHE A 687 -8.95 17.49 -23.41
C PHE A 687 -8.70 16.02 -23.78
N TYR A 688 -9.05 15.09 -22.90
CA TYR A 688 -8.87 13.68 -23.19
C TYR A 688 -9.71 13.26 -24.40
N GLU A 689 -10.96 13.70 -24.47
CA GLU A 689 -11.82 13.35 -25.58
C GLU A 689 -11.20 13.86 -26.88
N ARG A 690 -10.84 15.14 -26.93
CA ARG A 690 -10.33 15.72 -28.16
C ARG A 690 -9.00 15.10 -28.56
N TYR A 691 -8.17 14.79 -27.55
CA TYR A 691 -6.92 14.13 -27.79
C TYR A 691 -7.16 12.81 -28.49
N LEU A 692 -8.14 12.01 -28.03
CA LEU A 692 -8.37 10.68 -28.60
C LEU A 692 -8.96 10.75 -30.02
N ILE A 693 -9.77 11.75 -30.32
CA ILE A 693 -10.32 11.92 -31.64
C ILE A 693 -9.20 12.27 -32.59
N GLU A 694 -8.37 13.24 -32.20
CA GLU A 694 -7.23 13.63 -33.01
C GLU A 694 -6.25 12.47 -33.19
N ARG A 695 -6.08 11.64 -32.17
CA ARG A 695 -5.20 10.49 -32.30
C ARG A 695 -5.77 9.55 -33.34
N LYS A 696 -7.09 9.33 -33.32
CA LYS A 696 -7.77 8.45 -34.27
C LYS A 696 -7.59 8.95 -35.70
N PHE A 697 -7.66 10.25 -35.93
CA PHE A 697 -7.54 10.78 -37.28
C PHE A 697 -6.11 10.64 -37.79
N TYR A 698 -5.13 10.83 -36.90
CA TYR A 698 -3.73 10.71 -37.26
C TYR A 698 -3.44 9.29 -37.68
N LEU A 699 -3.84 8.32 -36.85
CA LEU A 699 -3.55 6.92 -37.11
C LEU A 699 -4.35 6.40 -38.33
N THR A 700 -5.55 6.94 -38.58
CA THR A 700 -6.32 6.52 -39.75
C THR A 700 -5.55 6.95 -40.99
N GLY A 701 -5.14 8.23 -41.03
CA GLY A 701 -4.29 8.73 -42.10
C GLY A 701 -3.11 7.82 -42.36
N LEU A 702 -2.39 7.40 -41.29
CA LEU A 702 -1.22 6.57 -41.43
C LEU A 702 -1.61 5.24 -42.05
N SER A 703 -2.64 4.57 -41.49
CA SER A 703 -3.18 3.32 -42.04
C SER A 703 -3.49 3.44 -43.53
N ASN A 704 -4.12 4.54 -43.93
CA ASN A 704 -4.49 4.75 -45.32
C ASN A 704 -3.26 4.91 -46.20
N GLU A 705 -2.19 5.53 -45.69
CA GLU A 705 -0.96 5.68 -46.46
C GLU A 705 -0.24 4.34 -46.57
N ILE A 706 -0.25 3.55 -45.49
CA ILE A 706 0.30 2.21 -45.49
C ILE A 706 -0.43 1.37 -46.55
N LYS A 707 -1.77 1.52 -46.63
CA LYS A 707 -2.58 0.74 -47.57
C LYS A 707 -2.27 1.11 -49.02
N LYS A 708 -1.82 2.35 -49.28
CA LYS A 708 -1.39 2.74 -50.61
C LYS A 708 0.04 2.26 -50.89
N GLY A 709 0.63 1.49 -49.96
CA GLY A 709 1.98 0.98 -50.13
C GLY A 709 3.06 2.03 -49.82
N ASN A 710 2.67 3.21 -49.33
CA ASN A 710 3.63 4.26 -49.02
C ASN A 710 4.38 3.92 -47.73
N ARG A 711 5.53 4.58 -47.53
CA ARG A 711 6.29 4.43 -46.31
C ARG A 711 5.87 5.53 -45.34
N VAL A 712 5.54 5.13 -44.11
CA VAL A 712 5.18 6.07 -43.06
C VAL A 712 6.22 5.95 -41.94
N ASP A 713 6.34 7.02 -41.14
CA ASP A 713 7.17 7.01 -39.95
C ASP A 713 6.35 7.46 -38.74
N VAL A 714 6.58 6.82 -37.59
CA VAL A 714 6.05 7.28 -36.33
C VAL A 714 7.21 7.72 -35.43
N PRO A 715 7.06 8.77 -34.59
CA PRO A 715 8.12 9.20 -33.69
C PRO A 715 8.84 8.11 -32.89
N PHE A 716 8.11 7.08 -32.45
CA PHE A 716 8.62 6.18 -31.42
C PHE A 716 9.12 4.89 -32.05
N ILE A 717 9.16 4.81 -33.39
CA ILE A 717 9.85 3.72 -34.05
C ILE A 717 10.99 4.36 -34.86
N ARG A 718 12.20 3.83 -34.67
CA ARG A 718 13.43 4.46 -35.11
C ARG A 718 14.26 3.43 -35.84
N ARG A 719 14.47 3.65 -37.13
CA ARG A 719 14.96 2.62 -38.03
C ARG A 719 16.42 2.29 -37.73
N ASP A 720 17.17 3.22 -37.13
CA ASP A 720 18.58 3.05 -36.85
C ASP A 720 18.86 2.19 -35.62
N GLN A 721 17.86 1.81 -34.82
CA GLN A 721 18.08 0.90 -33.70
C GLN A 721 18.46 -0.51 -34.16
N ASN A 722 19.43 -1.14 -33.45
CA ASN A 722 19.94 -2.47 -33.72
C ASN A 722 18.86 -3.55 -33.85
N LYS A 723 17.79 -3.45 -33.08
CA LYS A 723 16.59 -4.26 -33.23
C LYS A 723 16.35 -4.61 -34.70
N TRP A 724 16.55 -3.62 -35.60
CA TRP A 724 16.11 -3.74 -36.99
C TRP A 724 17.23 -4.23 -37.89
N LYS A 725 18.47 -4.33 -37.39
CA LYS A 725 19.61 -4.72 -38.20
C LYS A 725 19.95 -6.19 -37.93
N THR A 726 20.76 -6.79 -38.81
CA THR A 726 21.28 -8.13 -38.61
C THR A 726 22.28 -8.11 -37.45
N PRO A 727 22.22 -9.04 -36.48
CA PRO A 727 23.27 -9.13 -35.46
C PRO A 727 24.58 -9.69 -35.99
N ALA A 728 25.70 -9.11 -35.51
CA ALA A 728 27.06 -9.63 -35.74
C ALA A 728 27.59 -10.36 -34.52
N MET A 729 28.41 -11.41 -34.73
CA MET A 729 28.99 -12.21 -33.65
C MET A 729 29.82 -11.33 -32.71
N LYS A 730 30.75 -10.56 -33.28
CA LYS A 730 31.74 -9.82 -32.49
C LYS A 730 31.08 -8.68 -31.72
N THR A 731 30.10 -8.00 -32.31
CA THR A 731 29.46 -6.89 -31.65
C THR A 731 28.59 -7.41 -30.50
N LEU A 732 27.97 -8.56 -30.72
CA LEU A 732 27.04 -9.11 -29.76
C LEU A 732 27.81 -9.77 -28.63
N GLY A 733 28.93 -10.42 -28.96
CA GLY A 733 29.88 -10.89 -27.98
C GLY A 733 30.22 -9.84 -26.94
N ARG A 734 30.53 -8.61 -27.39
CA ARG A 734 31.00 -7.58 -26.48
C ARG A 734 29.85 -7.09 -25.60
N ILE A 735 28.64 -6.94 -26.16
CA ILE A 735 27.51 -6.46 -25.38
C ILE A 735 27.18 -7.49 -24.30
N TYR A 736 27.19 -8.77 -24.68
CA TYR A 736 26.94 -9.82 -23.71
C TYR A 736 28.05 -9.87 -22.65
N SER A 737 29.34 -9.68 -23.00
CA SER A 737 30.38 -9.79 -21.98
C SER A 737 30.46 -8.52 -21.13
N GLU A 738 30.44 -7.33 -21.74
CA GLU A 738 30.85 -6.13 -21.03
C GLU A 738 29.66 -5.34 -20.51
N ASP A 739 28.56 -5.29 -21.25
CA ASP A 739 27.54 -4.29 -21.00
C ASP A 739 26.43 -4.77 -20.05
N LEU A 740 26.13 -6.07 -20.04
CA LEU A 740 24.98 -6.58 -19.33
C LEU A 740 25.45 -7.58 -18.28
N PRO A 741 24.65 -7.85 -17.21
CA PRO A 741 24.86 -9.05 -16.43
C PRO A 741 24.64 -10.32 -17.23
N VAL A 742 25.31 -11.41 -16.86
CA VAL A 742 24.97 -12.71 -17.40
C VAL A 742 23.55 -13.09 -16.96
N GLU A 743 22.67 -13.53 -17.92
CA GLU A 743 21.33 -13.99 -17.57
C GLU A 743 21.42 -15.46 -17.24
N LEU A 744 21.27 -15.82 -15.96
CA LEU A 744 21.48 -17.22 -15.59
C LEU A 744 20.31 -18.06 -16.09
N PRO A 745 20.52 -19.33 -16.48
CA PRO A 745 19.45 -20.14 -17.04
C PRO A 745 18.52 -20.68 -15.98
N ARG A 746 17.28 -21.02 -16.37
CA ARG A 746 16.40 -21.80 -15.51
C ARG A 746 16.83 -23.28 -15.57
N GLN A 747 16.56 -24.00 -14.47
CA GLN A 747 16.95 -25.39 -14.24
C GLN A 747 18.45 -25.62 -14.08
N MET A 748 19.15 -24.60 -13.57
CA MET A 748 20.55 -24.74 -13.22
C MET A 748 20.83 -25.93 -12.30
N PHE A 749 20.00 -26.16 -11.26
CA PHE A 749 20.32 -27.08 -10.17
C PHE A 749 19.65 -28.45 -10.33
N ASP A 750 18.85 -28.63 -11.39
CA ASP A 750 18.04 -29.82 -11.60
C ASP A 750 18.84 -31.11 -11.70
N ASN A 751 19.86 -31.18 -12.54
CA ASN A 751 20.58 -32.44 -12.71
C ASN A 751 21.16 -32.90 -11.38
N GLU A 752 21.78 -31.99 -10.62
CA GLU A 752 22.39 -32.34 -9.35
C GLU A 752 21.32 -32.74 -8.34
N ILE A 753 20.24 -31.96 -8.21
CA ILE A 753 19.12 -32.35 -7.35
C ILE A 753 18.68 -33.78 -7.68
N LYS A 754 18.44 -34.08 -8.97
CA LYS A 754 17.90 -35.38 -9.34
C LYS A 754 18.89 -36.51 -9.07
N SER A 755 20.20 -36.26 -9.18
CA SER A 755 21.17 -37.33 -8.97
C SER A 755 21.18 -37.70 -7.49
N HIS A 756 21.09 -36.68 -6.64
CA HIS A 756 21.08 -36.90 -5.20
C HIS A 756 19.88 -37.79 -4.87
N LEU A 757 18.68 -37.33 -5.28
CA LEU A 757 17.44 -37.96 -4.89
C LEU A 757 17.39 -39.38 -5.42
N LYS A 758 17.88 -39.61 -6.64
CA LYS A 758 17.97 -40.97 -7.19
C LYS A 758 18.72 -41.91 -6.24
N SER A 759 19.70 -41.42 -5.47
CA SER A 759 20.46 -42.27 -4.57
C SER A 759 19.73 -42.57 -3.27
N LEU A 760 18.64 -41.84 -2.94
CA LEU A 760 17.89 -42.08 -1.70
C LEU A 760 16.92 -43.24 -1.94
N PRO A 761 16.89 -44.30 -1.09
CA PRO A 761 16.02 -45.45 -1.34
C PRO A 761 14.53 -45.16 -1.22
N GLN A 762 14.16 -44.12 -0.45
CA GLN A 762 12.76 -43.76 -0.28
C GLN A 762 12.19 -43.19 -1.57
N MET A 763 13.03 -42.74 -2.50
CA MET A 763 12.57 -42.11 -3.73
C MET A 763 12.55 -43.15 -4.86
N GLU A 764 12.54 -44.45 -4.53
CA GLU A 764 12.87 -45.48 -5.51
C GLU A 764 11.85 -45.53 -6.65
N GLY A 765 10.55 -45.34 -6.36
CA GLY A 765 9.54 -45.54 -7.39
C GLY A 765 9.09 -44.24 -8.06
N ILE A 766 10.03 -43.33 -8.36
CA ILE A 766 9.73 -42.07 -9.03
C ILE A 766 10.29 -42.13 -10.43
N ASP A 767 9.49 -41.71 -11.43
CA ASP A 767 9.96 -41.57 -12.79
C ASP A 767 10.66 -40.22 -12.91
N PHE A 768 12.00 -40.23 -12.81
CA PHE A 768 12.79 -39.00 -12.85
C PHE A 768 12.87 -38.42 -14.26
N ASN A 769 12.33 -39.10 -15.28
CA ASN A 769 12.27 -38.52 -16.61
C ASN A 769 11.03 -37.63 -16.78
N ASN A 770 10.04 -37.73 -15.88
CA ASN A 770 8.95 -36.76 -15.84
C ASN A 770 8.78 -36.24 -14.40
N ALA A 771 9.77 -35.49 -13.93
CA ALA A 771 9.81 -35.00 -12.55
C ALA A 771 10.48 -33.64 -12.47
N ASN A 772 9.71 -32.56 -12.30
CA ASN A 772 10.32 -31.26 -12.13
C ASN A 772 10.66 -31.04 -10.66
N VAL A 773 11.29 -29.89 -10.34
CA VAL A 773 11.74 -29.64 -8.98
C VAL A 773 10.54 -29.33 -8.08
N THR A 774 9.52 -28.63 -8.57
CA THR A 774 8.30 -28.47 -7.79
C THR A 774 7.77 -29.87 -7.37
N TYR A 775 7.68 -30.80 -8.31
CA TYR A 775 7.21 -32.14 -8.01
C TYR A 775 8.08 -32.79 -6.94
N LEU A 776 9.41 -32.69 -7.10
CA LEU A 776 10.34 -33.47 -6.27
C LEU A 776 10.44 -32.91 -4.85
N ILE A 777 10.29 -31.59 -4.66
CA ILE A 777 10.25 -31.07 -3.30
C ILE A 777 9.10 -31.76 -2.56
N ALA A 778 7.90 -31.80 -3.16
CA ALA A 778 6.76 -32.45 -2.54
C ALA A 778 6.99 -33.95 -2.34
N GLU A 779 7.59 -34.63 -3.30
CA GLU A 779 7.87 -36.04 -3.06
C GLU A 779 8.89 -36.22 -1.92
N TYR A 780 9.89 -35.32 -1.80
CA TYR A 780 10.85 -35.35 -0.71
C TYR A 780 10.14 -35.22 0.65
N MET A 781 9.29 -34.18 0.79
CA MET A 781 8.55 -33.97 2.02
C MET A 781 7.77 -35.24 2.37
N LYS A 782 7.05 -35.82 1.41
CA LYS A 782 6.20 -36.95 1.67
C LYS A 782 7.01 -38.22 1.97
N ARG A 783 8.02 -38.53 1.16
CA ARG A 783 8.64 -39.85 1.17
C ARG A 783 9.86 -39.97 2.08
N VAL A 784 10.62 -38.89 2.26
CA VAL A 784 11.81 -38.91 3.09
C VAL A 784 11.44 -38.37 4.48
N LEU A 785 10.49 -37.41 4.57
CA LEU A 785 10.21 -36.74 5.84
C LEU A 785 8.84 -37.05 6.46
N ASP A 786 7.96 -37.80 5.79
CA ASP A 786 6.61 -38.07 6.29
C ASP A 786 5.88 -36.77 6.64
N ASP A 787 6.00 -35.77 5.78
CA ASP A 787 5.39 -34.49 6.03
C ASP A 787 4.42 -34.24 4.90
N ASP A 788 3.72 -33.10 4.95
CA ASP A 788 2.85 -32.68 3.88
C ASP A 788 2.68 -31.17 4.01
N PHE A 789 2.05 -30.54 3.03
CA PHE A 789 1.87 -29.11 3.05
C PHE A 789 0.87 -28.74 4.12
N GLN A 790 0.77 -27.43 4.39
CA GLN A 790 -0.22 -26.95 5.33
C GLN A 790 -1.62 -27.36 4.85
N THR A 791 -2.48 -27.76 5.80
CA THR A 791 -3.86 -28.17 5.56
C THR A 791 -4.65 -27.19 4.71
N PHE A 792 -4.41 -25.89 4.81
CA PHE A 792 -5.22 -24.95 4.01
C PHE A 792 -4.93 -25.01 2.51
N TYR A 793 -4.00 -25.83 2.02
CA TYR A 793 -3.83 -25.98 0.58
C TYR A 793 -4.73 -27.11 0.05
N GLN A 794 -5.47 -27.79 0.93
CA GLN A 794 -6.46 -28.77 0.50
C GLN A 794 -7.88 -28.19 0.49
N TRP A 795 -8.07 -26.98 1.01
CA TRP A 795 -9.39 -26.41 1.07
C TRP A 795 -9.93 -26.09 -0.31
N ASN A 796 -11.25 -26.20 -0.45
CA ASN A 796 -11.95 -25.94 -1.69
C ASN A 796 -11.78 -24.50 -2.13
N ARG A 797 -11.68 -24.26 -3.45
CA ARG A 797 -11.45 -22.91 -3.97
C ARG A 797 -12.52 -22.53 -4.98
N ASN A 798 -12.75 -21.22 -5.14
CA ASN A 798 -13.65 -20.67 -6.12
C ASN A 798 -12.92 -19.94 -7.25
N TYR A 799 -13.37 -20.19 -8.49
CA TYR A 799 -12.91 -19.51 -9.69
C TYR A 799 -14.09 -19.25 -10.63
N ARG A 800 -14.20 -18.01 -11.12
CA ARG A 800 -15.23 -17.69 -12.11
C ARG A 800 -15.20 -18.72 -13.26
N TYR A 801 -14.03 -18.94 -13.86
CA TYR A 801 -13.92 -19.87 -14.97
C TYR A 801 -14.52 -21.23 -14.63
N MET A 802 -14.35 -21.71 -13.40
CA MET A 802 -14.88 -23.02 -13.06
C MET A 802 -16.38 -22.94 -12.83
N ASP A 803 -16.87 -21.80 -12.34
CA ASP A 803 -18.30 -21.51 -12.34
C ASP A 803 -18.88 -21.67 -13.75
N MET A 804 -18.34 -20.94 -14.73
CA MET A 804 -18.78 -21.04 -16.12
C MET A 804 -18.74 -22.50 -16.59
N LEU A 805 -17.70 -23.27 -16.25
CA LEU A 805 -17.58 -24.62 -16.76
C LEU A 805 -18.55 -25.55 -16.04
N LYS A 806 -19.04 -25.16 -14.86
CA LYS A 806 -19.88 -26.04 -14.08
C LYS A 806 -21.33 -25.81 -14.49
N GLY A 807 -21.67 -24.57 -14.84
CA GLY A 807 -22.95 -24.22 -15.41
C GLY A 807 -24.08 -24.58 -14.45
N GLU A 808 -24.20 -23.78 -13.38
CA GLU A 808 -25.24 -23.94 -12.38
C GLU A 808 -25.77 -22.56 -12.00
N TYR A 809 -27.09 -22.41 -12.07
CA TYR A 809 -27.73 -21.12 -11.88
C TYR A 809 -28.71 -21.22 -10.72
N ASP A 810 -28.96 -20.09 -10.07
CA ASP A 810 -30.03 -19.97 -9.09
C ASP A 810 -31.34 -19.75 -9.85
N ARG A 811 -32.47 -19.78 -9.13
CA ARG A 811 -33.80 -19.73 -9.72
C ARG A 811 -33.95 -18.45 -10.55
N LYS A 812 -33.50 -17.31 -10.00
CA LYS A 812 -33.50 -16.01 -10.68
C LYS A 812 -32.63 -16.05 -11.95
N GLY A 813 -31.59 -16.89 -11.98
CA GLY A 813 -30.84 -17.19 -13.19
C GLY A 813 -29.40 -16.70 -13.17
N SER A 814 -28.91 -16.23 -12.01
CA SER A 814 -27.50 -15.88 -11.84
C SER A 814 -26.63 -17.15 -11.74
N LEU A 815 -25.36 -17.02 -12.14
CA LEU A 815 -24.38 -18.11 -12.13
C LEU A 815 -23.87 -18.29 -10.70
N GLN A 816 -23.80 -19.55 -10.24
CA GLN A 816 -23.48 -19.83 -8.86
C GLN A 816 -21.96 -19.79 -8.66
N HIS A 817 -21.54 -19.33 -7.47
CA HIS A 817 -20.17 -19.44 -7.03
C HIS A 817 -19.98 -20.80 -6.37
N CYS A 818 -19.36 -21.72 -7.09
CA CYS A 818 -18.98 -23.01 -6.55
C CYS A 818 -17.63 -22.91 -5.84
N PHE A 819 -17.42 -23.77 -4.85
CA PHE A 819 -16.11 -24.03 -4.28
C PHE A 819 -15.77 -25.48 -4.62
N THR A 820 -14.75 -25.69 -5.46
CA THR A 820 -14.40 -27.01 -5.95
C THR A 820 -13.17 -27.54 -5.21
N SER A 821 -12.96 -28.84 -5.24
CA SER A 821 -11.69 -29.47 -4.90
C SER A 821 -10.80 -29.51 -6.12
N VAL A 822 -9.53 -29.86 -5.93
CA VAL A 822 -8.60 -29.92 -7.04
C VAL A 822 -9.00 -31.08 -7.95
N GLU A 823 -9.49 -32.18 -7.39
CA GLU A 823 -9.94 -33.30 -8.20
C GLU A 823 -11.10 -32.85 -9.09
N GLU A 824 -12.05 -32.07 -8.54
CA GLU A 824 -13.19 -31.62 -9.34
C GLU A 824 -12.68 -30.81 -10.53
N ARG A 825 -11.82 -29.82 -10.26
CA ARG A 825 -11.29 -28.95 -11.30
C ARG A 825 -10.46 -29.73 -12.34
N GLU A 826 -9.65 -30.69 -11.92
CA GLU A 826 -8.99 -31.55 -12.88
C GLU A 826 -10.01 -32.03 -13.93
N GLY A 827 -11.15 -32.55 -13.47
CA GLY A 827 -12.13 -33.15 -14.36
C GLY A 827 -12.94 -32.11 -15.14
N LEU A 828 -13.25 -30.96 -14.55
CA LEU A 828 -13.92 -29.94 -15.34
C LEU A 828 -13.01 -29.54 -16.49
N TRP A 829 -11.69 -29.38 -16.20
CA TRP A 829 -10.72 -28.90 -17.18
C TRP A 829 -10.63 -29.88 -18.34
N LYS A 830 -10.55 -31.19 -18.06
CA LYS A 830 -10.62 -32.19 -19.12
C LYS A 830 -11.83 -31.98 -20.05
N GLU A 831 -12.96 -31.51 -19.50
CA GLU A 831 -14.22 -31.42 -20.22
C GLU A 831 -14.54 -29.97 -20.58
N ARG A 832 -13.51 -29.12 -20.67
CA ARG A 832 -13.74 -27.70 -20.87
C ARG A 832 -14.34 -27.37 -22.25
N ALA A 833 -14.08 -28.16 -23.30
CA ALA A 833 -14.59 -27.82 -24.63
C ALA A 833 -16.11 -27.93 -24.67
N SER A 834 -16.67 -29.10 -24.32
CA SER A 834 -18.11 -29.30 -24.24
C SER A 834 -18.72 -28.23 -23.33
N ARG A 835 -18.14 -28.10 -22.12
CA ARG A 835 -18.73 -27.26 -21.09
C ARG A 835 -18.70 -25.80 -21.50
N THR A 836 -17.67 -25.40 -22.26
CA THR A 836 -17.61 -24.02 -22.76
C THR A 836 -18.71 -23.80 -23.79
N GLU A 837 -19.00 -24.83 -24.61
CA GLU A 837 -20.07 -24.72 -25.58
C GLU A 837 -21.38 -24.41 -24.84
N ARG A 838 -21.79 -25.28 -23.90
CA ARG A 838 -22.98 -25.02 -23.10
C ARG A 838 -22.95 -23.60 -22.54
N TYR A 839 -21.81 -23.19 -21.99
CA TYR A 839 -21.77 -21.94 -21.25
C TYR A 839 -22.17 -20.82 -22.20
N ARG A 840 -21.56 -20.81 -23.40
CA ARG A 840 -21.71 -19.71 -24.33
C ARG A 840 -23.15 -19.62 -24.81
N LYS A 841 -23.73 -20.76 -25.22
CA LYS A 841 -25.12 -20.84 -25.61
C LYS A 841 -26.00 -20.11 -24.60
N GLN A 842 -25.97 -20.52 -23.32
CA GLN A 842 -26.80 -19.89 -22.29
C GLN A 842 -26.44 -18.41 -22.14
N ALA A 843 -25.15 -18.09 -22.11
CA ALA A 843 -24.69 -16.75 -21.80
C ALA A 843 -25.13 -15.76 -22.87
N SER A 844 -25.09 -16.17 -24.15
CA SER A 844 -25.51 -15.35 -25.28
C SER A 844 -26.99 -15.02 -25.19
N ASN A 845 -27.82 -16.03 -24.89
CA ASN A 845 -29.25 -15.83 -24.69
C ASN A 845 -29.48 -14.75 -23.64
N LYS A 846 -28.74 -14.80 -22.54
CA LYS A 846 -28.90 -13.87 -21.44
C LYS A 846 -28.44 -12.46 -21.83
N ILE A 847 -27.50 -12.33 -22.79
CA ILE A 847 -27.15 -11.01 -23.31
C ILE A 847 -28.32 -10.49 -24.15
N ARG A 848 -28.82 -11.31 -25.09
CA ARG A 848 -29.89 -10.89 -25.98
C ARG A 848 -31.16 -10.54 -25.19
N SER A 849 -31.51 -11.37 -24.20
CA SER A 849 -32.66 -11.10 -23.33
C SER A 849 -32.52 -9.76 -22.61
N ASN A 850 -31.28 -9.34 -22.30
CA ASN A 850 -31.03 -8.00 -21.81
C ASN A 850 -31.00 -7.02 -22.99
N SER A 857 -25.80 -7.68 -31.31
CA SER A 857 -25.18 -8.13 -32.60
C SER A 857 -24.46 -9.46 -32.38
N SER A 858 -24.65 -10.42 -33.30
CA SER A 858 -24.04 -11.73 -33.20
C SER A 858 -22.53 -11.62 -32.98
N GLU A 859 -21.86 -10.79 -33.80
CA GLU A 859 -20.41 -10.60 -33.74
C GLU A 859 -20.02 -9.95 -32.40
N GLU A 860 -20.78 -8.95 -31.96
CA GLU A 860 -20.45 -8.21 -30.74
C GLU A 860 -20.60 -9.11 -29.52
N ILE A 861 -21.62 -9.98 -29.53
CA ILE A 861 -21.85 -10.93 -28.45
C ILE A 861 -20.70 -11.93 -28.41
N GLU A 862 -20.40 -12.56 -29.57
CA GLU A 862 -19.35 -13.57 -29.65
C GLU A 862 -18.03 -13.00 -29.13
N THR A 863 -17.74 -11.73 -29.45
CA THR A 863 -16.55 -11.05 -28.97
C THR A 863 -16.63 -10.84 -27.46
N ILE A 864 -17.77 -10.39 -26.94
CA ILE A 864 -17.92 -10.14 -25.50
C ILE A 864 -17.61 -11.42 -24.73
N LEU A 865 -18.07 -12.55 -25.26
CA LEU A 865 -17.92 -13.83 -24.58
C LEU A 865 -16.49 -14.34 -24.72
N ASP A 866 -15.94 -14.30 -25.94
CA ASP A 866 -14.53 -14.62 -26.18
C ASP A 866 -13.66 -14.01 -25.09
N LYS A 867 -13.81 -12.71 -24.82
CA LYS A 867 -12.95 -12.04 -23.88
C LYS A 867 -13.24 -12.51 -22.47
N ARG A 868 -14.52 -12.75 -22.17
CA ARG A 868 -14.93 -13.22 -20.87
C ARG A 868 -14.24 -14.53 -20.54
N LEU A 869 -14.25 -15.48 -21.47
CA LEU A 869 -13.73 -16.80 -21.18
C LEU A 869 -12.20 -16.81 -21.17
N SER A 870 -11.55 -16.12 -22.12
CA SER A 870 -10.11 -16.00 -22.10
C SER A 870 -9.64 -15.43 -20.76
N ASN A 871 -10.16 -14.28 -20.38
CA ASN A 871 -9.62 -13.63 -19.20
C ASN A 871 -9.78 -14.57 -18.01
N SER A 872 -10.99 -15.10 -17.84
CA SER A 872 -11.24 -15.98 -16.73
C SER A 872 -10.30 -17.17 -16.75
N ARG A 873 -10.21 -17.86 -17.90
CA ARG A 873 -9.35 -19.02 -17.97
C ARG A 873 -7.91 -18.63 -17.58
N ASN A 874 -7.40 -17.51 -18.11
CA ASN A 874 -6.03 -17.11 -17.81
C ASN A 874 -5.87 -16.82 -16.32
N GLU A 875 -6.84 -16.16 -15.70
CA GLU A 875 -6.76 -15.90 -14.28
C GLU A 875 -6.70 -17.21 -13.50
N TYR A 876 -7.46 -18.21 -13.89
CA TYR A 876 -7.52 -19.43 -13.12
C TYR A 876 -6.18 -20.17 -13.25
N GLN A 877 -5.69 -20.33 -14.47
CA GLN A 877 -4.47 -21.07 -14.70
C GLN A 877 -3.28 -20.44 -13.97
N LYS A 878 -3.13 -19.11 -14.03
CA LYS A 878 -2.01 -18.47 -13.38
C LYS A 878 -2.09 -18.67 -11.87
N SER A 879 -3.26 -18.42 -11.31
CA SER A 879 -3.51 -18.58 -9.89
C SER A 879 -3.15 -20.01 -9.45
N GLU A 880 -3.61 -21.02 -10.16
CA GLU A 880 -3.32 -22.36 -9.74
C GLU A 880 -1.82 -22.66 -9.78
N LYS A 881 -1.12 -22.16 -10.80
CA LYS A 881 0.32 -22.37 -10.91
C LYS A 881 1.07 -21.67 -9.78
N VAL A 882 0.68 -20.45 -9.46
CA VAL A 882 1.37 -19.72 -8.41
C VAL A 882 1.12 -20.36 -7.03
N ILE A 883 -0.10 -20.79 -6.72
CA ILE A 883 -0.35 -21.43 -5.44
C ILE A 883 0.51 -22.70 -5.33
N ARG A 884 0.67 -23.47 -6.40
CA ARG A 884 1.52 -24.64 -6.32
C ARG A 884 3.00 -24.28 -6.02
N ARG A 885 3.42 -23.05 -6.35
CA ARG A 885 4.76 -22.57 -6.06
C ARG A 885 4.83 -22.17 -4.60
N TYR A 886 3.78 -21.48 -4.10
CA TYR A 886 3.71 -21.16 -2.68
C TYR A 886 3.83 -22.43 -1.84
N ARG A 887 3.23 -23.56 -2.24
CA ARG A 887 3.35 -24.75 -1.42
C ARG A 887 4.81 -25.15 -1.21
N VAL A 888 5.58 -25.26 -2.29
CA VAL A 888 6.93 -25.80 -2.19
C VAL A 888 7.87 -24.73 -1.63
N GLN A 889 7.59 -23.45 -1.88
CA GLN A 889 8.32 -22.39 -1.21
C GLN A 889 8.18 -22.55 0.30
N ASP A 890 6.94 -22.79 0.78
CA ASP A 890 6.73 -22.97 2.21
C ASP A 890 7.46 -24.19 2.72
N ALA A 891 7.49 -25.26 1.93
CA ALA A 891 8.21 -26.44 2.38
C ALA A 891 9.67 -26.06 2.65
N LEU A 892 10.24 -25.20 1.80
CA LEU A 892 11.66 -24.90 1.89
C LEU A 892 11.93 -23.99 3.08
N LEU A 893 11.10 -22.95 3.29
CA LEU A 893 11.25 -22.11 4.47
C LEU A 893 11.15 -22.94 5.75
N PHE A 894 10.15 -23.81 5.81
CA PHE A 894 9.98 -24.64 6.97
C PHE A 894 11.25 -25.42 7.21
N LEU A 895 11.76 -26.08 6.17
CA LEU A 895 12.94 -26.91 6.32
C LEU A 895 14.13 -26.10 6.84
N LEU A 896 14.38 -24.92 6.26
CA LEU A 896 15.53 -24.11 6.64
C LEU A 896 15.35 -23.55 8.06
N ALA A 897 14.19 -22.95 8.36
CA ALA A 897 13.94 -22.48 9.72
C ALA A 897 14.18 -23.60 10.73
N LYS A 898 13.63 -24.78 10.50
CA LYS A 898 13.73 -25.88 11.44
C LYS A 898 15.19 -26.26 11.66
N LYS A 899 16.02 -26.15 10.62
CA LYS A 899 17.43 -26.49 10.70
C LYS A 899 18.16 -25.48 11.59
N THR A 900 17.87 -24.19 11.40
CA THR A 900 18.47 -23.15 12.23
C THR A 900 18.18 -23.42 13.70
N LEU A 901 16.89 -23.56 14.05
CA LEU A 901 16.45 -23.62 15.43
C LEU A 901 16.87 -24.93 16.09
N THR A 902 16.92 -26.02 15.32
CA THR A 902 17.39 -27.30 15.83
C THR A 902 18.79 -27.15 16.41
N GLU A 903 19.70 -26.47 15.69
CA GLU A 903 21.09 -26.31 16.10
C GLU A 903 21.27 -25.12 17.05
N LEU A 904 20.16 -24.53 17.58
CA LEU A 904 20.22 -23.48 18.58
C LEU A 904 19.59 -23.97 19.89
N ALA A 905 19.96 -23.29 20.99
CA ALA A 905 19.37 -23.46 22.31
C ALA A 905 19.49 -24.91 22.79
N ASP A 906 18.71 -25.28 23.83
CA ASP A 906 18.36 -26.66 24.11
C ASP A 906 16.99 -26.94 23.48
N PHE A 907 16.94 -26.83 22.14
CA PHE A 907 15.73 -27.01 21.37
C PHE A 907 15.81 -28.33 20.61
N ASP A 908 14.79 -29.18 20.77
CA ASP A 908 14.68 -30.45 20.06
C ASP A 908 13.45 -30.36 19.15
N GLY A 909 13.64 -30.62 17.84
CA GLY A 909 12.59 -30.37 16.88
C GLY A 909 12.56 -31.30 15.66
N GLU A 910 13.16 -32.50 15.76
CA GLU A 910 13.10 -33.47 14.66
C GLU A 910 11.63 -33.90 14.45
N ARG A 911 10.80 -33.83 15.50
CA ARG A 911 9.41 -34.27 15.43
C ARG A 911 8.51 -33.31 14.64
N PHE A 912 8.91 -32.04 14.43
CA PHE A 912 7.97 -31.04 13.93
C PHE A 912 7.82 -31.13 12.41
N LYS A 913 6.62 -30.76 11.92
CA LYS A 913 6.17 -31.01 10.57
C LYS A 913 5.34 -29.84 10.03
N LEU A 914 5.56 -29.51 8.75
CA LEU A 914 4.84 -28.45 8.07
C LEU A 914 3.33 -28.68 8.11
N LYS A 915 2.88 -29.94 8.02
CA LYS A 915 1.46 -30.24 8.05
C LYS A 915 0.80 -29.72 9.35
N GLU A 916 1.54 -29.60 10.47
CA GLU A 916 0.97 -29.07 11.70
C GLU A 916 0.87 -27.53 11.70
N ILE A 917 1.46 -26.82 10.74
CA ILE A 917 1.46 -25.36 10.80
C ILE A 917 0.11 -24.81 10.39
N MET A 918 -0.40 -23.84 11.16
CA MET A 918 -1.72 -23.25 10.99
C MET A 918 -1.69 -21.82 11.54
N PRO A 919 -2.54 -20.87 11.09
CA PRO A 919 -2.44 -19.48 11.54
C PRO A 919 -2.54 -19.28 13.05
N ASP A 920 -3.33 -20.09 13.77
CA ASP A 920 -3.31 -20.04 15.22
C ASP A 920 -3.00 -21.40 15.84
N ALA A 921 -1.83 -21.95 15.51
CA ALA A 921 -1.53 -23.35 15.81
C ALA A 921 -1.45 -23.61 17.31
N GLU A 922 -2.05 -24.71 17.77
CA GLU A 922 -1.99 -25.11 19.17
C GLU A 922 -0.98 -26.24 19.37
N LYS A 923 -0.31 -26.70 18.30
CA LYS A 923 0.64 -27.80 18.38
C LYS A 923 1.81 -27.56 17.42
N GLY A 924 2.88 -28.33 17.64
CA GLY A 924 4.04 -28.29 16.77
C GLY A 924 4.89 -27.05 17.01
N ILE A 925 5.76 -26.76 16.06
CA ILE A 925 6.87 -25.85 16.29
C ILE A 925 6.37 -24.48 16.77
N LEU A 926 5.25 -23.99 16.24
CA LEU A 926 4.77 -22.65 16.55
C LEU A 926 4.30 -22.54 17.99
N SER A 927 3.97 -23.67 18.62
CA SER A 927 3.51 -23.66 20.01
C SER A 927 4.67 -23.81 21.00
N GLU A 928 5.92 -23.96 20.52
CA GLU A 928 7.06 -24.16 21.39
C GLU A 928 7.42 -22.86 22.08
N ILE A 929 7.83 -22.96 23.35
CA ILE A 929 8.14 -21.81 24.17
C ILE A 929 9.65 -21.67 24.20
N MET A 930 10.17 -20.49 23.85
CA MET A 930 11.59 -20.24 24.05
C MET A 930 11.83 -18.80 24.48
N PRO A 931 12.97 -18.50 25.17
CA PRO A 931 13.29 -17.13 25.51
C PRO A 931 13.57 -16.34 24.25
N MET A 932 13.21 -15.04 24.26
CA MET A 932 13.40 -14.21 23.08
C MET A 932 13.92 -12.85 23.50
N SER A 933 14.53 -12.15 22.55
CA SER A 933 15.08 -10.83 22.75
C SER A 933 14.96 -10.07 21.43
N PHE A 934 14.24 -8.95 21.42
CA PHE A 934 14.03 -8.17 20.21
C PHE A 934 14.67 -6.81 20.38
N THR A 935 15.67 -6.47 19.55
CA THR A 935 16.35 -5.19 19.62
C THR A 935 15.98 -4.38 18.38
N PHE A 936 15.70 -3.09 18.56
CA PHE A 936 15.31 -2.26 17.43
C PHE A 936 15.73 -0.83 17.71
N GLU A 937 15.65 -0.01 16.65
CA GLU A 937 16.03 1.40 16.66
C GLU A 937 14.82 2.18 16.18
N LYS A 938 14.50 3.26 16.90
CA LYS A 938 13.35 4.10 16.57
C LYS A 938 13.72 5.52 16.98
N GLY A 939 13.54 6.48 16.07
CA GLY A 939 13.85 7.89 16.34
C GLY A 939 15.23 8.08 16.96
N GLY A 940 16.24 7.38 16.45
CA GLY A 940 17.61 7.59 16.87
C GLY A 940 17.98 6.96 18.22
N LYS A 941 17.09 6.16 18.83
CA LYS A 941 17.46 5.42 20.04
C LYS A 941 17.33 3.92 19.78
N LYS A 942 17.97 3.12 20.63
CA LYS A 942 18.08 1.67 20.47
C LYS A 942 17.59 0.96 21.73
N TYR A 943 16.58 0.10 21.56
CA TYR A 943 15.90 -0.52 22.69
C TYR A 943 15.88 -2.04 22.54
N THR A 944 15.70 -2.74 23.67
CA THR A 944 15.57 -4.18 23.65
C THR A 944 14.36 -4.60 24.48
N ILE A 945 13.55 -5.53 23.94
CA ILE A 945 12.42 -6.09 24.65
C ILE A 945 12.68 -7.58 24.78
N THR A 946 12.60 -8.15 25.99
CA THR A 946 12.94 -9.55 26.17
C THR A 946 11.69 -10.33 26.60
N SER A 947 11.76 -11.65 26.47
CA SER A 947 10.85 -12.56 27.11
C SER A 947 11.63 -13.74 27.64
N GLU A 948 11.29 -14.23 28.83
CA GLU A 948 11.97 -15.40 29.38
C GLU A 948 11.41 -16.65 28.74
N GLY A 949 10.27 -16.52 28.06
CA GLY A 949 9.63 -17.66 27.42
C GLY A 949 8.38 -17.22 26.69
N MET A 950 8.28 -17.62 25.42
CA MET A 950 7.33 -17.05 24.49
C MET A 950 7.10 -18.08 23.40
N LYS A 951 5.83 -18.32 23.05
CA LYS A 951 5.50 -19.20 21.94
C LYS A 951 5.92 -18.57 20.62
N LEU A 952 6.57 -19.36 19.75
CA LEU A 952 7.06 -18.87 18.47
C LEU A 952 5.97 -18.10 17.73
N LYS A 953 4.72 -18.58 17.78
CA LYS A 953 3.64 -17.92 17.08
C LYS A 953 3.40 -16.48 17.54
N ASN A 954 3.89 -16.09 18.74
CA ASN A 954 3.66 -14.76 19.27
C ASN A 954 4.80 -13.80 18.95
N TYR A 955 5.80 -14.22 18.16
CA TYR A 955 6.95 -13.36 17.90
C TYR A 955 6.52 -12.03 17.27
N GLY A 956 5.37 -12.00 16.59
CA GLY A 956 4.90 -10.77 15.97
C GLY A 956 4.51 -9.69 16.96
N ASP A 957 4.26 -10.07 18.22
CA ASP A 957 3.98 -9.12 19.30
C ASP A 957 5.04 -8.02 19.38
N PHE A 958 6.31 -8.37 19.22
CA PHE A 958 7.37 -7.39 19.36
C PHE A 958 7.18 -6.22 18.38
N PHE A 959 6.84 -6.49 17.12
CA PHE A 959 6.69 -5.37 16.19
C PHE A 959 5.51 -4.50 16.62
N VAL A 960 4.46 -5.12 17.16
CA VAL A 960 3.29 -4.36 17.60
C VAL A 960 3.71 -3.40 18.72
N LEU A 961 4.50 -3.86 19.69
CA LEU A 961 4.98 -3.00 20.76
C LEU A 961 5.94 -1.93 20.23
N ALA A 962 6.91 -2.30 19.39
CA ALA A 962 7.89 -1.35 18.88
C ALA A 962 7.20 -0.27 18.05
N SER A 963 6.16 -0.65 17.31
CA SER A 963 5.41 0.28 16.51
C SER A 963 4.62 1.29 17.36
N ASP A 964 4.42 1.03 18.65
CA ASP A 964 3.52 1.84 19.46
C ASP A 964 4.15 3.20 19.75
N LYS A 965 3.42 4.29 19.49
CA LYS A 965 3.94 5.64 19.66
C LYS A 965 4.45 5.87 21.09
N ARG A 966 3.89 5.16 22.07
CA ARG A 966 4.26 5.35 23.46
C ARG A 966 5.58 4.71 23.83
N ILE A 967 6.12 3.81 22.98
CA ILE A 967 7.23 2.98 23.45
C ILE A 967 8.39 3.89 23.90
N GLY A 968 8.67 4.96 23.14
CA GLY A 968 9.79 5.84 23.42
C GLY A 968 9.68 6.51 24.79
N ASN A 969 8.63 7.32 25.00
CA ASN A 969 8.47 8.07 26.24
C ASN A 969 8.29 7.16 27.44
N LEU A 970 7.69 5.99 27.25
CA LEU A 970 7.54 5.04 28.34
C LEU A 970 8.92 4.61 28.81
N LEU A 971 9.82 4.25 27.88
CA LEU A 971 11.13 3.70 28.24
C LEU A 971 12.04 4.79 28.79
N GLU A 972 11.80 6.04 28.41
CA GLU A 972 12.44 7.17 29.07
C GLU A 972 12.09 7.19 30.56
N LEU A 973 10.87 6.78 30.94
CA LEU A 973 10.43 6.80 32.33
C LEU A 973 10.98 5.59 33.10
N VAL A 974 10.99 4.41 32.45
CA VAL A 974 11.48 3.19 33.09
C VAL A 974 12.95 3.38 33.50
N GLY A 975 13.68 4.18 32.70
CA GLY A 975 15.09 4.45 32.95
C GLY A 975 15.96 3.29 32.48
N SER A 976 15.41 2.47 31.57
CA SER A 976 16.14 1.37 30.97
C SER A 976 15.64 1.19 29.54
N ASP A 977 16.57 0.93 28.62
CA ASP A 977 16.24 0.62 27.24
C ASP A 977 15.91 -0.87 27.09
N ILE A 978 16.14 -1.68 28.14
CA ILE A 978 15.87 -3.11 28.14
C ILE A 978 14.67 -3.38 29.06
N VAL A 979 13.66 -4.12 28.57
CA VAL A 979 12.39 -4.27 29.26
C VAL A 979 11.70 -5.60 28.94
N SER A 980 10.91 -6.14 29.87
CA SER A 980 10.16 -7.37 29.64
C SER A 980 8.93 -7.13 28.76
N LYS A 981 8.75 -7.97 27.74
CA LYS A 981 7.60 -7.92 26.84
C LYS A 981 6.28 -7.95 27.60
N GLU A 982 6.16 -8.83 28.59
CA GLU A 982 4.94 -9.04 29.33
C GLU A 982 4.62 -7.76 30.09
N ASP A 983 5.62 -7.16 30.76
CA ASP A 983 5.45 -5.90 31.47
C ASP A 983 4.92 -4.78 30.57
N ILE A 984 5.47 -4.63 29.36
CA ILE A 984 5.06 -3.54 28.49
C ILE A 984 3.63 -3.77 28.00
N MET A 985 3.25 -5.03 27.69
CA MET A 985 1.88 -5.28 27.25
C MET A 985 0.92 -4.95 28.40
N GLU A 986 1.31 -5.26 29.63
CA GLU A 986 0.39 -5.00 30.72
C GLU A 986 0.25 -3.49 30.90
N GLU A 987 1.38 -2.80 30.90
CA GLU A 987 1.40 -1.35 31.01
C GLU A 987 0.48 -0.72 29.96
N PHE A 988 0.56 -1.17 28.70
CA PHE A 988 -0.20 -0.54 27.65
C PHE A 988 -1.70 -0.76 27.86
N ASN A 989 -2.11 -1.91 28.37
CA ASN A 989 -3.52 -2.15 28.63
C ASN A 989 -3.99 -1.32 29.82
N LYS A 990 -3.16 -1.14 30.83
CA LYS A 990 -3.56 -0.33 31.97
C LYS A 990 -3.62 1.14 31.56
N TYR A 991 -2.66 1.61 30.77
CA TYR A 991 -2.78 2.94 30.21
C TYR A 991 -4.17 3.10 29.57
N ASP A 992 -4.58 2.14 28.71
CA ASP A 992 -5.83 2.26 27.98
C ASP A 992 -7.05 2.34 28.89
N GLN A 993 -6.99 1.70 30.06
CA GLN A 993 -8.04 1.80 31.05
C GLN A 993 -8.00 3.12 31.81
N CYS A 994 -6.82 3.70 32.05
CA CYS A 994 -6.71 4.95 32.79
C CYS A 994 -7.25 6.13 32.00
N ARG A 995 -7.11 6.11 30.68
CA ARG A 995 -7.33 7.32 29.90
C ARG A 995 -8.73 7.88 30.15
N PRO A 996 -9.87 7.13 30.06
CA PRO A 996 -11.18 7.68 30.40
C PRO A 996 -11.34 8.13 31.84
N GLU A 997 -10.60 7.54 32.77
CA GLU A 997 -10.71 7.93 34.16
C GLU A 997 -10.05 9.30 34.35
N ILE A 998 -9.07 9.65 33.50
CA ILE A 998 -8.48 10.98 33.56
C ILE A 998 -9.54 12.01 33.18
N SER A 999 -10.27 11.75 32.09
CA SER A 999 -11.37 12.58 31.64
C SER A 999 -12.38 12.83 32.76
N SER A 1000 -12.73 11.77 33.52
CA SER A 1000 -13.69 11.92 34.61
C SER A 1000 -13.14 12.76 35.76
N ILE A 1001 -11.81 12.74 36.01
CA ILE A 1001 -11.25 13.46 37.14
C ILE A 1001 -11.33 14.94 36.83
N VAL A 1002 -11.01 15.27 35.58
CA VAL A 1002 -11.13 16.63 35.06
C VAL A 1002 -12.57 17.10 35.25
N PHE A 1003 -13.55 16.28 34.82
N PHE A 1003 -13.56 16.29 34.82
CA PHE A 1003 -14.96 16.64 34.85
CA PHE A 1003 -14.96 16.65 34.87
C PHE A 1003 -15.36 17.01 36.29
C PHE A 1003 -15.33 17.04 36.31
N ASN A 1004 -14.97 16.18 37.26
CA ASN A 1004 -15.32 16.41 38.66
C ASN A 1004 -14.61 17.65 39.21
N LEU A 1005 -13.45 17.99 38.63
CA LEU A 1005 -12.69 19.16 39.09
C LEU A 1005 -13.36 20.44 38.57
N GLU A 1006 -13.64 20.47 37.27
CA GLU A 1006 -14.41 21.55 36.65
C GLU A 1006 -15.72 21.74 37.42
N LYS A 1007 -16.43 20.63 37.71
CA LYS A 1007 -17.70 20.70 38.43
C LYS A 1007 -17.53 21.39 39.79
N TRP A 1008 -16.45 21.07 40.51
CA TRP A 1008 -16.17 21.69 41.80
C TRP A 1008 -15.95 23.20 41.63
N ALA A 1009 -15.19 23.57 40.60
CA ALA A 1009 -14.85 24.97 40.33
C ALA A 1009 -16.13 25.76 40.04
N PHE A 1010 -17.03 25.19 39.22
CA PHE A 1010 -18.29 25.84 38.89
C PHE A 1010 -19.15 25.99 40.15
N ASP A 1011 -19.17 24.97 41.02
CA ASP A 1011 -19.97 25.02 42.24
C ASP A 1011 -19.43 26.05 43.24
N THR A 1012 -18.11 26.32 43.21
CA THR A 1012 -17.48 27.19 44.19
C THR A 1012 -17.41 28.63 43.67
N TYR A 1013 -17.13 28.82 42.38
CA TYR A 1013 -16.89 30.16 41.83
C TYR A 1013 -17.98 30.48 40.81
N PRO A 1014 -19.09 31.18 41.19
CA PRO A 1014 -20.17 31.46 40.25
C PRO A 1014 -19.81 32.43 39.12
N GLU A 1015 -18.66 33.12 39.25
CA GLU A 1015 -17.99 33.78 38.14
C GLU A 1015 -18.04 32.91 36.88
N LEU A 1016 -17.68 31.62 37.00
CA LEU A 1016 -17.56 30.73 35.85
C LEU A 1016 -18.93 30.48 35.23
N SER A 1017 -19.94 30.17 36.07
CA SER A 1017 -21.29 29.92 35.61
C SER A 1017 -21.83 31.14 34.86
N ALA A 1018 -21.52 32.35 35.38
CA ALA A 1018 -21.89 33.60 34.72
C ALA A 1018 -21.23 33.71 33.35
N ARG A 1019 -19.93 33.37 33.26
CA ARG A 1019 -19.19 33.46 32.01
C ARG A 1019 -19.79 32.54 30.94
N VAL A 1020 -20.46 31.45 31.35
CA VAL A 1020 -21.19 30.58 30.43
C VAL A 1020 -22.43 31.34 29.92
N ASP A 1021 -23.21 31.95 30.83
CA ASP A 1021 -24.43 32.66 30.47
C ASP A 1021 -24.12 33.90 29.64
N ARG A 1022 -22.93 34.51 29.83
CA ARG A 1022 -22.47 35.62 29.01
C ARG A 1022 -21.71 35.12 27.79
N GLU A 1023 -21.86 33.83 27.43
CA GLU A 1023 -21.43 33.27 26.17
C GLU A 1023 -19.93 33.46 26.00
N GLU A 1024 -19.16 32.99 26.99
CA GLU A 1024 -17.70 32.91 26.93
C GLU A 1024 -17.30 31.45 27.10
N LYS A 1025 -16.21 31.05 26.41
CA LYS A 1025 -15.73 29.68 26.46
C LYS A 1025 -14.87 29.51 27.72
N VAL A 1026 -15.26 28.55 28.57
CA VAL A 1026 -14.52 28.18 29.76
C VAL A 1026 -13.79 26.87 29.45
N ASP A 1027 -12.46 26.86 29.63
CA ASP A 1027 -11.64 25.68 29.36
C ASP A 1027 -10.86 25.30 30.63
N PHE A 1028 -10.10 24.21 30.55
CA PHE A 1028 -9.38 23.66 31.68
C PHE A 1028 -8.28 24.61 32.16
N LYS A 1029 -7.53 25.18 31.21
CA LYS A 1029 -6.46 26.13 31.48
C LYS A 1029 -7.00 27.32 32.27
N SER A 1030 -8.20 27.80 31.91
CA SER A 1030 -8.85 28.90 32.61
C SER A 1030 -9.21 28.50 34.05
N ILE A 1031 -9.76 27.29 34.21
CA ILE A 1031 -10.21 26.83 35.52
C ILE A 1031 -9.00 26.67 36.44
N LEU A 1032 -7.88 26.18 35.91
CA LEU A 1032 -6.65 26.07 36.69
C LEU A 1032 -6.23 27.45 37.20
N LYS A 1033 -6.38 28.49 36.36
CA LYS A 1033 -5.95 29.84 36.69
C LYS A 1033 -6.79 30.40 37.85
N ILE A 1034 -8.11 30.18 37.82
CA ILE A 1034 -8.99 30.61 38.90
C ILE A 1034 -8.60 29.88 40.19
N LEU A 1035 -8.38 28.56 40.09
CA LEU A 1035 -8.00 27.73 41.21
C LEU A 1035 -6.67 28.21 41.80
N LEU A 1036 -5.74 28.60 40.93
CA LEU A 1036 -4.43 29.10 41.34
C LEU A 1036 -4.61 30.43 42.09
N ASN A 1037 -5.36 31.38 41.50
CA ASN A 1037 -5.51 32.72 42.05
C ASN A 1037 -6.20 32.70 43.41
N ASN A 1038 -7.15 31.78 43.63
CA ASN A 1038 -7.82 31.65 44.91
C ASN A 1038 -7.10 30.67 45.85
N LYS A 1039 -5.86 30.26 45.48
CA LYS A 1039 -4.99 29.42 46.31
C LYS A 1039 -5.72 28.12 46.68
N ASN A 1040 -6.33 27.47 45.68
CA ASN A 1040 -6.78 26.09 45.78
C ASN A 1040 -5.66 25.17 45.31
N ILE A 1041 -4.84 25.66 44.36
CA ILE A 1041 -3.63 24.97 43.93
C ILE A 1041 -2.49 25.99 43.89
N ASN A 1042 -1.25 25.50 43.84
CA ASN A 1042 -0.06 26.33 43.66
C ASN A 1042 0.56 26.01 42.30
N LYS A 1043 1.54 26.81 41.86
CA LYS A 1043 2.07 26.73 40.49
C LYS A 1043 2.57 25.32 40.20
N GLU A 1044 3.29 24.70 41.16
CA GLU A 1044 3.79 23.33 41.00
C GLU A 1044 2.64 22.40 40.64
N GLN A 1045 1.53 22.51 41.39
CA GLN A 1045 0.40 21.61 41.24
C GLN A 1045 -0.32 21.90 39.92
N SER A 1046 -0.52 23.19 39.63
CA SER A 1046 -1.07 23.64 38.35
C SER A 1046 -0.28 23.02 37.19
N ASP A 1047 1.06 23.10 37.27
CA ASP A 1047 1.91 22.63 36.18
C ASP A 1047 1.77 21.12 35.99
N ILE A 1048 1.68 20.37 37.10
CA ILE A 1048 1.56 18.92 37.04
C ILE A 1048 0.21 18.58 36.40
N LEU A 1049 -0.90 19.10 36.95
CA LEU A 1049 -2.22 18.84 36.40
C LEU A 1049 -2.21 19.11 34.88
N ARG A 1050 -1.68 20.26 34.47
CA ARG A 1050 -1.65 20.62 33.06
C ARG A 1050 -0.88 19.59 32.23
N LYS A 1051 0.29 19.17 32.73
CA LYS A 1051 1.21 18.33 31.97
C LYS A 1051 0.68 16.90 31.84
N ILE A 1052 0.13 16.35 32.94
CA ILE A 1052 -0.46 15.02 32.91
C ILE A 1052 -1.64 15.04 31.93
N ARG A 1053 -2.56 15.99 32.13
CA ARG A 1053 -3.71 16.07 31.26
C ARG A 1053 -3.29 16.12 29.80
N ASN A 1054 -2.23 16.88 29.48
CA ASN A 1054 -1.77 16.96 28.11
C ASN A 1054 -1.23 15.63 27.62
N ALA A 1055 -0.50 14.91 28.48
CA ALA A 1055 0.11 13.64 28.09
C ALA A 1055 -0.96 12.62 27.70
N PHE A 1056 -2.03 12.49 28.52
CA PHE A 1056 -3.10 11.56 28.21
C PHE A 1056 -3.81 11.96 26.90
N ASP A 1057 -4.08 13.26 26.65
CA ASP A 1057 -4.69 13.66 25.39
C ASP A 1057 -3.84 13.28 24.19
N ALA A 1058 -2.52 13.34 24.35
CA ALA A 1058 -1.58 12.95 23.30
C ALA A 1058 -1.53 11.44 23.11
N ASN A 1059 -2.17 10.67 24.00
CA ASN A 1059 -2.05 9.23 24.10
C ASN A 1059 -0.60 8.85 24.35
N ASN A 1060 0.07 9.59 25.26
CA ASN A 1060 1.46 9.36 25.55
C ASN A 1060 1.74 9.48 27.04
N TYR A 1061 3.00 9.22 27.43
CA TYR A 1061 3.44 9.38 28.81
C TYR A 1061 4.03 10.77 28.97
N PRO A 1062 4.01 11.37 30.19
CA PRO A 1062 4.68 12.63 30.44
C PRO A 1062 6.19 12.49 30.53
N ASP A 1063 6.91 13.61 30.46
CA ASP A 1063 8.36 13.65 30.65
C ASP A 1063 8.75 13.18 32.05
N LYS A 1064 9.99 12.68 32.16
CA LYS A 1064 10.58 12.26 33.43
C LYS A 1064 10.60 13.43 34.41
N GLY A 1065 10.24 13.16 35.66
CA GLY A 1065 10.39 14.13 36.74
C GLY A 1065 9.10 14.89 37.05
N VAL A 1066 8.17 14.97 36.09
CA VAL A 1066 6.88 15.62 36.31
C VAL A 1066 6.22 15.05 37.57
N VAL A 1067 6.23 13.73 37.72
CA VAL A 1067 5.49 13.08 38.80
C VAL A 1067 6.26 11.83 39.28
N GLU A 1068 6.15 11.52 40.58
CA GLU A 1068 6.74 10.30 41.11
C GLU A 1068 5.92 9.11 40.63
N ILE A 1069 6.60 8.10 40.07
CA ILE A 1069 5.94 6.97 39.44
C ILE A 1069 6.39 5.69 40.14
N LYS A 1070 5.57 4.64 39.97
CA LYS A 1070 5.92 3.28 40.34
C LYS A 1070 6.63 2.61 39.17
N ALA A 1071 6.96 1.32 39.32
CA ALA A 1071 7.63 0.53 38.29
C ALA A 1071 6.60 -0.09 37.34
N LEU A 1072 7.06 -0.62 36.20
CA LEU A 1072 6.19 -1.37 35.31
C LEU A 1072 5.56 -2.53 36.09
N PRO A 1073 4.34 -3.00 35.74
CA PRO A 1073 3.43 -2.36 34.81
C PRO A 1073 2.45 -1.37 35.45
N GLU A 1074 2.91 -0.52 36.38
CA GLU A 1074 2.01 0.40 37.08
C GLU A 1074 2.38 1.87 36.83
N ILE A 1075 3.07 2.18 35.74
CA ILE A 1075 3.46 3.56 35.50
C ILE A 1075 2.21 4.42 35.26
N ALA A 1076 1.34 4.00 34.36
CA ALA A 1076 0.15 4.77 34.02
C ALA A 1076 -0.78 4.84 35.22
N MET A 1077 -0.95 3.70 35.93
CA MET A 1077 -1.76 3.66 37.13
C MET A 1077 -1.25 4.68 38.14
N SER A 1078 0.07 4.75 38.33
CA SER A 1078 0.62 5.66 39.33
C SER A 1078 0.41 7.12 38.91
N ILE A 1079 0.48 7.41 37.60
CA ILE A 1079 0.28 8.76 37.11
C ILE A 1079 -1.19 9.14 37.33
N LYS A 1080 -2.10 8.19 37.07
CA LYS A 1080 -3.51 8.37 37.32
C LYS A 1080 -3.76 8.65 38.80
N LYS A 1081 -3.03 7.97 39.69
CA LYS A 1081 -3.23 8.16 41.12
C LYS A 1081 -2.78 9.56 41.52
N ALA A 1082 -1.66 10.02 40.96
CA ALA A 1082 -1.16 11.35 41.25
C ALA A 1082 -2.17 12.41 40.81
N PHE A 1083 -2.67 12.26 39.59
CA PHE A 1083 -3.62 13.21 39.04
C PHE A 1083 -4.81 13.31 39.98
N GLY A 1084 -5.35 12.15 40.39
CA GLY A 1084 -6.48 12.09 41.28
C GLY A 1084 -6.25 12.85 42.60
N GLU A 1085 -5.01 12.84 43.10
CA GLU A 1085 -4.71 13.46 44.38
C GLU A 1085 -4.46 14.95 44.20
N TYR A 1086 -3.82 15.34 43.09
CA TYR A 1086 -3.59 16.74 42.79
C TYR A 1086 -4.88 17.45 42.41
N ALA A 1087 -6.00 16.73 42.35
CA ALA A 1087 -7.28 17.27 41.94
C ALA A 1087 -8.30 17.20 43.09
N ILE A 1088 -7.88 17.53 44.31
CA ILE A 1088 -8.77 17.40 45.46
C ILE A 1088 -9.24 18.79 45.92
N MET A 1089 -8.32 19.77 46.01
CA MET A 1089 -8.63 21.15 46.36
C MET A 1089 -8.88 21.27 47.86
N LYS A 1090 -7.97 21.99 48.55
CA LYS A 1090 -8.15 22.52 49.90
C LYS A 1090 -9.38 21.90 50.59
#